data_1NRX
#
_entry.id   1NRX
#
_cell.length_a   72.400
_cell.length_b   83.500
_cell.length_c   149.000
_cell.angle_alpha   90.00
_cell.angle_beta   90.00
_cell.angle_gamma   90.00
#
_symmetry.space_group_name_H-M   'P 21 21 21'
#
loop_
_entity.id
_entity.type
_entity.pdbx_description
1 polymer '3-dehydroquinate synthase'
2 non-polymer 'ZINC ION'
3 non-polymer 'CHLORIDE ION'
4 non-polymer NICOTINAMIDE-ADENINE-DINUCLEOTIDE
5 water water
#
_entity_poly.entity_id   1
_entity_poly.type   'polypeptide(L)'
_entity_poly.pdbx_seq_one_letter_code
;MSNPTKISILGRESIIADFGLWRNYVAKDLISDCSSTTYVLVTDTNIGSIYTPSFEEAFRKRAAEITPSPRLLIYNRPPG
EVSKSRQTKADIEDWMLSQNPPCGRDTVVIALGGGVIGDLTGFVASTYMRGVRYVQVPTTLLAMVDSSIGGKTAIDTPLG
KNLIGAIWQPTKIYIDLEFLETLPVREFINGMAEVIKTAAISSEEEFTALEENAETILKAVRREVTPGEHRFEGTEEILK
ARILASARHKAYVVSADEREGGLRNLLNWGHSIGHAIEAILTPQILHGECVAIGMVKEAELARHLGILKGVAVSRIVKCL
AAYGLPTSLKDARIRKLTAGKHCSVDQLMFNMALDKKNDGPKKKIVLLSAIGTPYETRASVVANEDIRVVLAP
;
_entity_poly.pdbx_strand_id   A,B
#
loop_
_chem_comp.id
_chem_comp.type
_chem_comp.name
_chem_comp.formula
CL non-polymer 'CHLORIDE ION' 'Cl -1'
NAD non-polymer NICOTINAMIDE-ADENINE-DINUCLEOTIDE 'C21 H27 N7 O14 P2'
ZN non-polymer 'ZINC ION' 'Zn 2'
#
# COMPACT_ATOMS: atom_id res chain seq x y z
N PRO A 4 27.94 1.17 -18.05
CA PRO A 4 26.62 1.60 -17.55
C PRO A 4 26.72 2.42 -16.26
N THR A 5 26.31 3.69 -16.33
CA THR A 5 26.35 4.58 -15.19
C THR A 5 25.27 4.18 -14.21
N LYS A 6 25.60 4.23 -12.91
CA LYS A 6 24.67 3.89 -11.84
C LYS A 6 24.43 5.03 -10.87
N ILE A 7 23.19 5.47 -10.73
CA ILE A 7 22.89 6.51 -9.76
C ILE A 7 22.23 5.80 -8.58
N SER A 8 22.51 6.27 -7.36
CA SER A 8 21.91 5.65 -6.20
C SER A 8 20.78 6.49 -5.63
N ILE A 9 19.73 5.80 -5.16
CA ILE A 9 18.57 6.45 -4.55
C ILE A 9 18.31 5.77 -3.21
N LEU A 10 17.97 6.56 -2.20
CA LEU A 10 17.72 6.04 -0.87
C LEU A 10 18.89 5.14 -0.51
N GLY A 11 20.06 5.76 -0.37
CA GLY A 11 21.28 5.08 0.00
C GLY A 11 21.44 3.65 -0.47
N ARG A 12 21.23 3.45 -1.77
CA ARG A 12 21.36 2.13 -2.37
C ARG A 12 21.12 2.23 -3.88
N GLU A 13 22.13 1.82 -4.63
CA GLU A 13 22.09 1.87 -6.09
C GLU A 13 20.84 1.16 -6.59
N SER A 14 20.11 1.83 -7.48
CA SER A 14 18.90 1.25 -8.05
C SER A 14 18.63 1.81 -9.43
N ILE A 15 19.31 2.91 -9.78
CA ILE A 15 19.17 3.48 -11.10
C ILE A 15 20.41 3.08 -11.87
N ILE A 16 20.20 2.52 -13.06
CA ILE A 16 21.31 2.12 -13.90
C ILE A 16 20.98 2.66 -15.27
N ALA A 17 21.75 3.66 -15.70
CA ALA A 17 21.51 4.27 -17.00
C ALA A 17 22.64 4.03 -17.99
N ASP A 18 22.28 4.04 -19.26
CA ASP A 18 23.22 3.82 -20.35
C ASP A 18 22.36 3.67 -21.61
N PHE A 19 23.01 3.47 -22.75
CA PHE A 19 22.30 3.30 -24.01
C PHE A 19 22.10 1.85 -24.38
N GLY A 20 20.85 1.47 -24.61
CA GLY A 20 20.57 0.10 -25.00
C GLY A 20 20.57 -0.96 -23.91
N LEU A 21 20.44 -0.57 -22.64
CA LEU A 21 20.41 -1.55 -21.55
C LEU A 21 19.32 -2.58 -21.82
N TRP A 22 18.27 -2.12 -22.51
CA TRP A 22 17.14 -2.95 -22.84
C TRP A 22 17.60 -4.22 -23.56
N ARG A 23 18.07 -4.04 -24.79
CA ARG A 23 18.51 -5.16 -25.62
C ARG A 23 19.55 -6.06 -24.98
N ASN A 24 20.43 -5.50 -24.15
CA ASN A 24 21.47 -6.30 -23.54
C ASN A 24 21.92 -5.90 -22.14
N TYR A 25 21.09 -6.18 -21.14
CA TYR A 25 21.44 -5.89 -19.75
C TYR A 25 20.33 -6.26 -18.79
N VAL A 26 19.20 -5.58 -18.93
CA VAL A 26 18.05 -5.82 -18.07
C VAL A 26 17.80 -7.30 -17.81
N ALA A 27 17.44 -8.02 -18.88
CA ALA A 27 17.14 -9.45 -18.80
C ALA A 27 18.13 -10.21 -17.92
N LYS A 28 19.42 -9.99 -18.14
CA LYS A 28 20.45 -10.66 -17.35
C LYS A 28 20.48 -10.15 -15.93
N ASP A 29 20.55 -8.82 -15.80
CA ASP A 29 20.59 -8.17 -14.50
C ASP A 29 19.41 -8.56 -13.60
N LEU A 30 18.27 -8.86 -14.23
CA LEU A 30 17.09 -9.26 -13.47
C LEU A 30 17.24 -10.63 -12.86
N ILE A 31 17.40 -11.63 -13.71
CA ILE A 31 17.55 -13.01 -13.26
C ILE A 31 18.77 -13.14 -12.32
N SER A 32 19.59 -12.09 -12.26
CA SER A 32 20.77 -12.10 -11.42
C SER A 32 20.49 -11.51 -10.03
N ASP A 33 20.15 -10.22 -10.01
CA ASP A 33 19.86 -9.50 -8.78
C ASP A 33 18.43 -9.74 -8.29
N CYS A 34 17.48 -9.65 -9.21
CA CYS A 34 16.07 -9.88 -8.88
C CYS A 34 15.75 -11.33 -9.17
N SER A 35 16.50 -12.25 -8.57
CA SER A 35 16.26 -13.66 -8.81
C SER A 35 14.81 -14.03 -8.55
N SER A 36 14.20 -14.69 -9.52
CA SER A 36 12.81 -15.10 -9.41
C SER A 36 12.51 -16.19 -10.42
N THR A 37 11.28 -16.72 -10.36
CA THR A 37 10.84 -17.77 -11.28
C THR A 37 9.76 -17.23 -12.19
N THR A 38 9.27 -16.02 -11.87
CA THR A 38 8.22 -15.42 -12.67
C THR A 38 8.48 -13.94 -12.88
N TYR A 39 8.40 -13.51 -14.14
CA TYR A 39 8.61 -12.11 -14.50
C TYR A 39 7.43 -11.59 -15.33
N VAL A 40 6.62 -10.72 -14.74
CA VAL A 40 5.46 -10.15 -15.43
C VAL A 40 5.78 -8.79 -16.05
N LEU A 41 5.70 -8.71 -17.37
CA LEU A 41 5.97 -7.45 -18.03
C LEU A 41 4.66 -6.78 -18.39
N VAL A 42 4.60 -5.48 -18.10
CA VAL A 42 3.41 -4.71 -18.39
C VAL A 42 3.81 -3.51 -19.22
N THR A 43 3.01 -3.21 -20.23
CA THR A 43 3.25 -2.07 -21.10
C THR A 43 1.97 -1.84 -21.88
N ASP A 44 1.98 -0.83 -22.75
CA ASP A 44 0.82 -0.54 -23.57
C ASP A 44 1.15 -0.96 -24.98
N THR A 45 0.12 -1.30 -25.76
CA THR A 45 0.28 -1.72 -27.15
C THR A 45 1.22 -0.83 -27.92
N ASN A 46 1.08 0.49 -27.77
CA ASN A 46 1.97 1.42 -28.46
C ASN A 46 3.43 1.06 -28.21
N ILE A 47 3.92 1.38 -27.01
CA ILE A 47 5.31 1.09 -26.66
C ILE A 47 5.62 -0.40 -26.80
N GLY A 48 4.71 -1.25 -26.33
CA GLY A 48 4.91 -2.68 -26.40
C GLY A 48 5.37 -3.16 -27.76
N SER A 49 4.46 -3.18 -28.72
CA SER A 49 4.75 -3.64 -30.07
C SER A 49 6.12 -3.22 -30.60
N ILE A 50 6.64 -2.10 -30.12
CA ILE A 50 7.92 -1.61 -30.60
C ILE A 50 9.11 -2.23 -29.88
N TYR A 51 8.93 -2.51 -28.60
CA TYR A 51 10.04 -3.06 -27.84
C TYR A 51 9.82 -4.42 -27.19
N THR A 52 8.58 -4.93 -27.18
CA THR A 52 8.33 -6.22 -26.53
C THR A 52 9.13 -7.39 -27.13
N PRO A 53 9.08 -7.56 -28.46
CA PRO A 53 9.80 -8.63 -29.18
C PRO A 53 11.28 -8.76 -28.81
N SER A 54 11.96 -7.63 -28.76
CA SER A 54 13.38 -7.60 -28.42
C SER A 54 13.67 -8.27 -27.09
N PHE A 55 12.87 -7.95 -26.08
CA PHE A 55 13.04 -8.49 -24.74
C PHE A 55 12.76 -10.00 -24.66
N GLU A 56 11.69 -10.44 -25.31
CA GLU A 56 11.35 -11.86 -25.29
C GLU A 56 12.56 -12.65 -25.75
N GLU A 57 13.34 -12.04 -26.63
CA GLU A 57 14.55 -12.65 -27.13
C GLU A 57 15.63 -12.54 -26.05
N ALA A 58 15.90 -11.30 -25.61
CA ALA A 58 16.89 -11.05 -24.58
C ALA A 58 16.61 -11.90 -23.35
N PHE A 59 15.33 -12.07 -23.04
CA PHE A 59 14.94 -12.86 -21.88
C PHE A 59 15.22 -14.32 -22.10
N ARG A 60 14.46 -14.94 -22.99
CA ARG A 60 14.64 -16.36 -23.31
C ARG A 60 16.12 -16.68 -23.29
N LYS A 61 16.90 -15.78 -23.88
CA LYS A 61 18.35 -15.92 -23.93
C LYS A 61 18.86 -16.17 -22.51
N ARG A 62 19.09 -15.08 -21.78
CA ARG A 62 19.59 -15.17 -20.41
C ARG A 62 18.76 -16.11 -19.53
N ALA A 63 17.49 -16.28 -19.89
CA ALA A 63 16.59 -17.15 -19.16
C ALA A 63 17.07 -18.59 -19.19
N ALA A 64 16.98 -19.20 -20.37
CA ALA A 64 17.38 -20.60 -20.53
C ALA A 64 18.82 -20.87 -20.07
N GLU A 65 19.61 -19.81 -19.99
CA GLU A 65 21.01 -19.93 -19.57
C GLU A 65 21.13 -20.22 -18.07
N ILE A 66 20.00 -20.56 -17.44
CA ILE A 66 19.99 -20.85 -16.01
C ILE A 66 18.99 -21.99 -15.80
N THR A 67 19.05 -22.67 -14.65
CA THR A 67 18.12 -23.77 -14.34
C THR A 67 17.79 -23.87 -12.87
N PRO A 68 16.49 -23.96 -12.55
CA PRO A 68 15.39 -23.96 -13.52
C PRO A 68 15.25 -22.62 -14.24
N SER A 69 14.68 -22.64 -15.44
CA SER A 69 14.50 -21.42 -16.22
C SER A 69 13.21 -20.69 -15.88
N PRO A 70 13.32 -19.41 -15.49
CA PRO A 70 12.16 -18.60 -15.14
C PRO A 70 11.26 -18.32 -16.34
N ARG A 71 10.10 -17.74 -16.08
CA ARG A 71 9.15 -17.43 -17.13
C ARG A 71 8.96 -15.94 -17.31
N LEU A 72 8.45 -15.56 -18.47
CA LEU A 72 8.17 -14.16 -18.76
C LEU A 72 6.75 -14.06 -19.24
N LEU A 73 5.89 -13.47 -18.41
CA LEU A 73 4.49 -13.30 -18.77
C LEU A 73 4.30 -11.84 -19.15
N ILE A 74 3.69 -11.61 -20.30
CA ILE A 74 3.51 -10.25 -20.79
C ILE A 74 2.07 -9.77 -20.77
N TYR A 75 1.90 -8.49 -20.42
CA TYR A 75 0.58 -7.87 -20.37
C TYR A 75 0.60 -6.55 -21.15
N ASN A 76 -0.34 -6.42 -22.08
CA ASN A 76 -0.45 -5.22 -22.91
C ASN A 76 -1.75 -4.49 -22.64
N ARG A 77 -1.67 -3.28 -22.13
CA ARG A 77 -2.86 -2.51 -21.84
C ARG A 77 -3.02 -1.39 -22.87
N PRO A 78 -4.25 -0.90 -23.05
CA PRO A 78 -4.45 0.17 -24.04
C PRO A 78 -3.66 1.44 -23.65
N PRO A 79 -3.21 2.21 -24.65
CA PRO A 79 -2.47 3.43 -24.30
C PRO A 79 -3.40 4.51 -23.76
N GLY A 80 -2.82 5.53 -23.14
CA GLY A 80 -3.61 6.62 -22.61
C GLY A 80 -3.77 6.62 -21.11
N GLU A 81 -4.20 7.76 -20.59
CA GLU A 81 -4.39 7.96 -19.16
C GLU A 81 -5.57 7.14 -18.66
N VAL A 82 -6.37 6.63 -19.59
CA VAL A 82 -7.56 5.85 -19.23
C VAL A 82 -7.23 4.52 -18.58
N SER A 83 -6.00 4.05 -18.76
CA SER A 83 -5.62 2.76 -18.20
C SER A 83 -5.31 2.81 -16.71
N LYS A 84 -4.99 3.99 -16.19
CA LYS A 84 -4.73 4.09 -14.75
C LYS A 84 -6.10 4.10 -14.09
N SER A 85 -6.69 2.91 -13.97
CA SER A 85 -8.01 2.78 -13.38
C SER A 85 -8.19 1.54 -12.52
N ARG A 86 -9.09 1.67 -11.54
CA ARG A 86 -9.45 0.60 -10.62
C ARG A 86 -9.56 -0.62 -11.51
N GLN A 87 -10.15 -0.39 -12.69
CA GLN A 87 -10.39 -1.42 -13.68
C GLN A 87 -9.15 -2.15 -14.24
N THR A 88 -8.35 -1.47 -15.06
CA THR A 88 -7.18 -2.12 -15.63
C THR A 88 -6.45 -2.90 -14.54
N LYS A 89 -6.04 -2.20 -13.49
CA LYS A 89 -5.34 -2.85 -12.39
C LYS A 89 -6.02 -4.12 -12.01
N ALA A 90 -7.33 -4.07 -11.83
CA ALA A 90 -8.05 -5.26 -11.43
C ALA A 90 -7.87 -6.40 -12.40
N ASP A 91 -7.83 -6.07 -13.69
CA ASP A 91 -7.68 -7.06 -14.76
C ASP A 91 -6.29 -7.67 -14.79
N ILE A 92 -5.31 -6.87 -14.44
CA ILE A 92 -3.93 -7.32 -14.40
C ILE A 92 -3.70 -8.22 -13.19
N GLU A 93 -4.39 -7.92 -12.10
CA GLU A 93 -4.26 -8.70 -10.87
C GLU A 93 -4.90 -10.05 -11.16
N ASP A 94 -6.12 -10.01 -11.72
CA ASP A 94 -6.83 -11.24 -12.07
C ASP A 94 -5.96 -12.04 -13.01
N TRP A 95 -5.57 -11.40 -14.10
CA TRP A 95 -4.72 -12.04 -15.07
C TRP A 95 -3.57 -12.79 -14.37
N MET A 96 -2.82 -12.08 -13.53
CA MET A 96 -1.70 -12.68 -12.80
C MET A 96 -2.07 -13.84 -11.88
N LEU A 97 -3.31 -13.81 -11.41
CA LEU A 97 -3.79 -14.88 -10.53
C LEU A 97 -4.29 -16.05 -11.38
N SER A 98 -4.88 -15.75 -12.52
CA SER A 98 -5.40 -16.76 -13.44
C SER A 98 -4.28 -17.58 -14.10
N GLN A 99 -3.03 -17.18 -13.90
CA GLN A 99 -1.88 -17.87 -14.48
C GLN A 99 -1.62 -19.28 -13.98
N ASN A 100 -0.90 -20.04 -14.80
CA ASN A 100 -0.55 -21.42 -14.50
C ASN A 100 0.96 -21.61 -14.41
N PRO A 101 1.49 -21.67 -13.19
CA PRO A 101 0.73 -21.54 -11.94
C PRO A 101 0.40 -20.08 -11.69
N PRO A 102 -0.32 -19.78 -10.59
CA PRO A 102 -0.65 -18.39 -10.34
C PRO A 102 0.63 -17.62 -10.03
N CYS A 103 0.67 -16.35 -10.42
CA CYS A 103 1.87 -15.57 -10.14
C CYS A 103 1.98 -15.52 -8.63
N GLY A 104 3.16 -15.83 -8.12
CA GLY A 104 3.34 -15.83 -6.68
C GLY A 104 3.94 -14.55 -6.12
N ARG A 105 4.35 -14.60 -4.86
CA ARG A 105 4.97 -13.45 -4.19
C ARG A 105 6.38 -13.21 -4.73
N ASP A 106 7.03 -14.28 -5.20
CA ASP A 106 8.38 -14.18 -5.74
C ASP A 106 8.39 -13.42 -7.06
N THR A 107 7.21 -13.13 -7.57
CA THR A 107 7.10 -12.41 -8.83
C THR A 107 7.91 -11.11 -8.85
N VAL A 108 8.38 -10.76 -10.04
CA VAL A 108 9.12 -9.53 -10.24
C VAL A 108 8.49 -8.86 -11.45
N VAL A 109 7.76 -7.79 -11.19
CA VAL A 109 7.08 -7.08 -12.25
C VAL A 109 7.98 -6.05 -12.92
N ILE A 110 7.78 -5.85 -14.22
CA ILE A 110 8.56 -4.90 -15.00
C ILE A 110 7.64 -3.88 -15.66
N ALA A 111 7.72 -2.63 -15.20
CA ALA A 111 6.89 -1.60 -15.77
C ALA A 111 7.68 -0.98 -16.90
N LEU A 112 7.24 -1.24 -18.12
CA LEU A 112 7.88 -0.71 -19.32
C LEU A 112 7.00 0.35 -19.95
N GLY A 113 7.29 1.62 -19.68
CA GLY A 113 6.46 2.65 -20.27
C GLY A 113 6.67 4.08 -19.76
N GLY A 114 5.66 4.92 -19.97
CA GLY A 114 5.74 6.29 -19.53
C GLY A 114 5.10 6.43 -18.17
N GLY A 115 4.88 7.66 -17.74
CA GLY A 115 4.27 7.91 -16.45
C GLY A 115 2.98 7.17 -16.18
N VAL A 116 2.30 6.71 -17.23
CA VAL A 116 1.06 5.98 -17.02
C VAL A 116 1.36 4.55 -16.60
N ILE A 117 1.94 3.77 -17.50
CA ILE A 117 2.25 2.39 -17.17
C ILE A 117 3.03 2.31 -15.88
N GLY A 118 3.89 3.31 -15.66
CA GLY A 118 4.69 3.31 -14.45
C GLY A 118 3.82 3.34 -13.22
N ASP A 119 3.09 4.45 -13.03
CA ASP A 119 2.21 4.61 -11.89
C ASP A 119 1.27 3.44 -11.68
N LEU A 120 0.75 2.92 -12.77
CA LEU A 120 -0.19 1.81 -12.69
C LEU A 120 0.48 0.53 -12.24
N THR A 121 1.46 0.09 -13.00
CA THR A 121 2.16 -1.15 -12.68
C THR A 121 2.81 -1.09 -11.29
N GLY A 122 3.31 0.10 -10.93
CA GLY A 122 3.95 0.25 -9.63
C GLY A 122 2.97 -0.05 -8.53
N PHE A 123 1.79 0.52 -8.66
CA PHE A 123 0.72 0.33 -7.70
C PHE A 123 0.29 -1.13 -7.67
N VAL A 124 0.12 -1.73 -8.85
CA VAL A 124 -0.27 -3.14 -8.94
C VAL A 124 0.65 -4.00 -8.10
N ALA A 125 1.95 -3.76 -8.23
CA ALA A 125 2.94 -4.50 -7.48
C ALA A 125 2.82 -4.18 -6.01
N SER A 126 2.60 -2.91 -5.70
CA SER A 126 2.49 -2.43 -4.33
C SER A 126 1.39 -3.12 -3.52
N THR A 127 0.44 -3.77 -4.21
CA THR A 127 -0.66 -4.45 -3.52
C THR A 127 -0.79 -5.93 -3.78
N TYR A 128 -0.27 -6.40 -4.90
CA TYR A 128 -0.35 -7.82 -5.21
C TYR A 128 0.21 -8.60 -4.03
N MET A 129 -0.64 -9.39 -3.38
CA MET A 129 -0.21 -10.16 -2.22
C MET A 129 0.59 -9.31 -1.23
N ARG A 130 0.04 -8.13 -0.92
CA ARG A 130 0.62 -7.16 0.01
C ARG A 130 1.95 -6.54 -0.40
N GLY A 131 2.28 -6.67 -1.68
CA GLY A 131 3.51 -6.10 -2.18
C GLY A 131 4.52 -7.09 -2.72
N VAL A 132 4.93 -6.89 -3.97
CA VAL A 132 5.94 -7.73 -4.62
C VAL A 132 6.97 -6.80 -5.29
N ARG A 133 8.15 -7.34 -5.59
CA ARG A 133 9.20 -6.55 -6.22
C ARG A 133 8.79 -6.09 -7.61
N TYR A 134 9.41 -5.01 -8.06
CA TYR A 134 9.18 -4.48 -9.40
C TYR A 134 10.29 -3.49 -9.76
N VAL A 135 10.36 -3.15 -11.05
CA VAL A 135 11.38 -2.23 -11.52
C VAL A 135 10.85 -1.32 -12.62
N GLN A 136 11.41 -0.12 -12.68
CA GLN A 136 11.01 0.86 -13.66
C GLN A 136 11.86 0.79 -14.93
N VAL A 137 11.21 0.96 -16.07
CA VAL A 137 11.88 0.96 -17.35
C VAL A 137 11.17 2.05 -18.12
N PRO A 138 11.35 3.30 -17.67
CA PRO A 138 10.72 4.45 -18.32
C PRO A 138 11.07 4.52 -19.80
N THR A 139 10.09 4.88 -20.62
CA THR A 139 10.28 5.02 -22.06
C THR A 139 10.01 6.45 -22.48
N THR A 140 9.59 7.28 -21.52
CA THR A 140 9.30 8.68 -21.76
C THR A 140 10.37 9.54 -21.10
N LEU A 141 10.77 10.63 -21.74
CA LEU A 141 11.79 11.48 -21.18
C LEU A 141 11.38 11.84 -19.76
N LEU A 142 10.18 12.38 -19.61
CA LEU A 142 9.67 12.78 -18.31
C LEU A 142 9.76 11.64 -17.30
N ALA A 143 9.20 10.49 -17.66
CA ALA A 143 9.23 9.33 -16.78
C ALA A 143 10.65 8.94 -16.37
N MET A 144 11.62 9.19 -17.25
CA MET A 144 13.02 8.87 -16.98
C MET A 144 13.59 9.78 -15.91
N VAL A 145 13.26 11.07 -16.00
CA VAL A 145 13.78 12.05 -15.06
C VAL A 145 12.83 12.45 -13.92
N ASP A 146 11.70 11.76 -13.81
CA ASP A 146 10.74 12.10 -12.76
C ASP A 146 9.78 10.95 -12.43
N SER A 147 8.69 10.88 -13.18
CA SER A 147 7.66 9.87 -13.02
C SER A 147 8.09 8.49 -12.50
N SER A 148 9.34 8.11 -12.72
CA SER A 148 9.77 6.78 -12.28
C SER A 148 10.69 6.78 -11.07
N ILE A 149 11.02 7.96 -10.57
CA ILE A 149 11.91 8.04 -9.41
C ILE A 149 11.20 8.53 -8.16
N GLY A 150 11.11 7.69 -7.13
CA GLY A 150 10.45 8.10 -5.91
C GLY A 150 9.50 7.07 -5.32
N GLY A 151 8.94 6.22 -6.17
CA GLY A 151 8.04 5.21 -5.68
C GLY A 151 6.59 5.64 -5.62
N LYS A 152 6.28 6.83 -6.15
CA LYS A 152 4.91 7.30 -6.14
C LYS A 152 4.13 6.55 -7.22
N THR A 153 3.10 5.83 -6.80
CA THR A 153 2.28 5.07 -7.73
C THR A 153 0.81 5.31 -7.41
N ALA A 154 -0.04 5.20 -8.42
CA ALA A 154 -1.46 5.42 -8.22
C ALA A 154 -2.28 5.21 -9.49
N ILE A 155 -3.59 5.39 -9.35
CA ILE A 155 -4.53 5.26 -10.46
C ILE A 155 -5.55 6.39 -10.31
N ASP A 156 -6.28 6.68 -11.38
CA ASP A 156 -7.25 7.77 -11.33
C ASP A 156 -8.68 7.31 -11.06
N THR A 157 -9.50 8.27 -10.66
CA THR A 157 -10.90 8.06 -10.34
C THR A 157 -11.68 9.17 -11.02
N PRO A 158 -12.88 8.85 -11.55
CA PRO A 158 -13.64 9.91 -12.22
C PRO A 158 -13.79 11.15 -11.34
N LEU A 159 -13.36 11.04 -10.08
CA LEU A 159 -13.43 12.14 -9.12
C LEU A 159 -12.11 12.90 -9.03
N GLY A 160 -11.08 12.35 -9.68
CA GLY A 160 -9.78 13.00 -9.65
C GLY A 160 -8.65 12.10 -10.11
N LYS A 161 -7.47 12.68 -10.25
CA LYS A 161 -6.32 11.92 -10.70
C LYS A 161 -5.42 11.58 -9.53
N ASN A 162 -4.77 10.42 -9.61
CA ASN A 162 -3.87 9.94 -8.56
C ASN A 162 -4.54 9.93 -7.18
N LEU A 163 -5.83 9.63 -7.14
CA LEU A 163 -6.56 9.62 -5.88
C LEU A 163 -6.34 8.38 -5.04
N ILE A 164 -6.06 7.26 -5.70
CA ILE A 164 -5.83 6.00 -5.01
C ILE A 164 -4.48 5.42 -5.42
N GLY A 165 -3.62 5.15 -4.44
CA GLY A 165 -2.32 4.61 -4.74
C GLY A 165 -1.49 4.27 -3.53
N ALA A 166 -0.17 4.32 -3.68
CA ALA A 166 0.74 4.01 -2.59
C ALA A 166 2.18 4.34 -2.96
N ILE A 167 3.06 4.31 -1.97
CA ILE A 167 4.48 4.58 -2.19
C ILE A 167 5.15 3.22 -2.20
N TRP A 168 5.70 2.84 -3.34
CA TRP A 168 6.33 1.54 -3.46
C TRP A 168 7.60 1.70 -4.28
N GLN A 169 8.75 1.64 -3.62
CA GLN A 169 10.02 1.80 -4.32
C GLN A 169 10.38 0.64 -5.27
N PRO A 170 10.76 0.97 -6.51
CA PRO A 170 11.13 -0.10 -7.43
C PRO A 170 12.49 -0.62 -6.98
N THR A 171 12.75 -1.90 -7.23
CA THR A 171 14.02 -2.47 -6.83
C THR A 171 15.12 -1.98 -7.75
N LYS A 172 14.76 -1.66 -8.99
CA LYS A 172 15.69 -1.17 -9.99
C LYS A 172 14.98 -0.25 -10.96
N ILE A 173 15.69 0.76 -11.43
CA ILE A 173 15.13 1.72 -12.38
C ILE A 173 16.05 1.81 -13.57
N TYR A 174 15.82 0.93 -14.54
CA TYR A 174 16.64 0.91 -15.74
C TYR A 174 16.30 2.07 -16.67
N ILE A 175 17.33 2.80 -17.08
CA ILE A 175 17.15 3.93 -17.98
C ILE A 175 17.94 3.72 -19.27
N ASP A 176 17.23 3.26 -20.29
CA ASP A 176 17.80 3.02 -21.62
C ASP A 176 17.44 4.26 -22.42
N LEU A 177 18.43 5.11 -22.67
CA LEU A 177 18.18 6.33 -23.41
C LEU A 177 17.68 6.14 -24.83
N GLU A 178 17.93 4.96 -25.39
CA GLU A 178 17.48 4.69 -26.75
C GLU A 178 15.97 4.82 -26.94
N PHE A 179 15.20 4.53 -25.91
CA PHE A 179 13.75 4.64 -26.00
C PHE A 179 13.37 5.99 -26.56
N LEU A 180 14.22 6.98 -26.34
CA LEU A 180 13.96 8.34 -26.81
C LEU A 180 14.02 8.48 -28.33
N GLU A 181 14.52 7.44 -29.00
CA GLU A 181 14.63 7.43 -30.45
C GLU A 181 13.24 7.43 -31.04
N THR A 182 12.42 6.48 -30.60
CA THR A 182 11.05 6.34 -31.08
C THR A 182 10.04 7.27 -30.41
N LEU A 183 10.40 7.83 -29.26
CA LEU A 183 9.50 8.73 -28.54
C LEU A 183 9.02 9.89 -29.41
N PRO A 184 7.70 10.17 -29.40
CA PRO A 184 7.17 11.27 -30.18
C PRO A 184 7.82 12.58 -29.78
N VAL A 185 8.18 13.37 -30.79
CA VAL A 185 8.82 14.66 -30.60
C VAL A 185 8.10 15.52 -29.58
N ARG A 186 6.79 15.63 -29.70
CA ARG A 186 6.02 16.44 -28.75
C ARG A 186 6.25 15.90 -27.35
N GLU A 187 6.35 14.58 -27.24
CA GLU A 187 6.57 13.92 -25.95
C GLU A 187 7.94 14.25 -25.39
N PHE A 188 8.95 14.25 -26.25
CA PHE A 188 10.29 14.58 -25.82
C PHE A 188 10.27 15.98 -25.22
N ILE A 189 9.89 16.96 -26.05
CA ILE A 189 9.80 18.35 -25.66
C ILE A 189 8.99 18.53 -24.38
N ASN A 190 8.02 17.65 -24.18
CA ASN A 190 7.17 17.70 -23.01
C ASN A 190 8.02 17.44 -21.78
N GLY A 191 8.72 16.31 -21.80
CA GLY A 191 9.57 15.93 -20.69
C GLY A 191 10.66 16.93 -20.40
N MET A 192 11.17 17.59 -21.43
CA MET A 192 12.24 18.57 -21.24
C MET A 192 11.91 19.61 -20.19
N ALA A 193 10.62 19.91 -20.01
CA ALA A 193 10.19 20.91 -19.03
C ALA A 193 10.78 20.58 -17.66
N GLU A 194 10.54 19.34 -17.22
CA GLU A 194 11.06 18.88 -15.93
C GLU A 194 12.56 19.02 -15.90
N VAL A 195 13.21 18.50 -16.93
CA VAL A 195 14.65 18.57 -17.07
C VAL A 195 15.15 19.98 -16.74
N ILE A 196 14.53 20.97 -17.39
CA ILE A 196 14.90 22.35 -17.19
C ILE A 196 14.58 22.76 -15.76
N LYS A 197 13.37 22.44 -15.31
CA LYS A 197 12.93 22.75 -13.97
C LYS A 197 14.04 22.36 -13.01
N THR A 198 14.46 21.11 -13.12
CA THR A 198 15.52 20.55 -12.31
C THR A 198 16.72 21.49 -12.19
N ALA A 199 17.37 21.73 -13.32
CA ALA A 199 18.53 22.60 -13.39
C ALA A 199 18.28 23.97 -12.76
N ALA A 200 17.17 24.59 -13.14
CA ALA A 200 16.81 25.90 -12.65
C ALA A 200 16.81 26.04 -11.13
N ILE A 201 16.58 24.94 -10.42
CA ILE A 201 16.55 25.00 -8.96
C ILE A 201 17.75 24.35 -8.27
N SER A 202 18.74 23.92 -9.05
CA SER A 202 19.87 23.24 -8.49
C SER A 202 21.23 23.74 -8.94
N SER A 203 21.43 23.79 -10.25
CA SER A 203 22.72 24.20 -10.76
C SER A 203 22.66 25.22 -11.89
N GLU A 204 23.38 26.32 -11.69
CA GLU A 204 23.44 27.38 -12.69
C GLU A 204 24.19 26.82 -13.88
N GLU A 205 25.30 26.12 -13.62
CA GLU A 205 26.11 25.52 -14.68
C GLU A 205 25.26 24.56 -15.54
N GLU A 206 24.45 23.75 -14.89
CA GLU A 206 23.59 22.80 -15.58
C GLU A 206 22.61 23.48 -16.51
N PHE A 207 21.95 24.51 -16.01
CA PHE A 207 20.99 25.25 -16.83
C PHE A 207 21.71 25.80 -18.07
N THR A 208 22.89 26.40 -17.84
CA THR A 208 23.67 26.96 -18.93
C THR A 208 24.01 25.92 -19.99
N ALA A 209 24.50 24.76 -19.57
CA ALA A 209 24.83 23.69 -20.50
C ALA A 209 23.58 23.43 -21.32
N LEU A 210 22.45 23.27 -20.64
CA LEU A 210 21.20 23.04 -21.33
C LEU A 210 21.06 24.04 -22.46
N GLU A 211 21.14 25.33 -22.12
CA GLU A 211 21.01 26.37 -23.14
C GLU A 211 21.85 26.11 -24.37
N GLU A 212 23.17 26.17 -24.21
CA GLU A 212 24.08 25.95 -25.31
C GLU A 212 23.76 24.68 -26.09
N ASN A 213 23.29 23.66 -25.40
CA ASN A 213 22.96 22.39 -26.04
C ASN A 213 21.64 22.33 -26.80
N ALA A 214 20.77 23.31 -26.56
CA ALA A 214 19.47 23.36 -27.22
C ALA A 214 19.49 22.86 -28.66
N GLU A 215 19.99 23.71 -29.56
CA GLU A 215 20.08 23.40 -30.98
C GLU A 215 20.54 21.96 -31.23
N THR A 216 21.60 21.54 -30.56
CA THR A 216 22.14 20.19 -30.73
C THR A 216 21.10 19.11 -30.49
N ILE A 217 20.63 19.04 -29.25
CA ILE A 217 19.64 18.05 -28.85
C ILE A 217 18.35 18.12 -29.67
N LEU A 218 17.81 19.33 -29.80
CA LEU A 218 16.56 19.51 -30.54
C LEU A 218 16.64 18.95 -31.95
N LYS A 219 17.72 19.27 -32.66
CA LYS A 219 17.90 18.78 -34.02
C LYS A 219 17.78 17.25 -34.05
N ALA A 220 18.63 16.57 -33.28
CA ALA A 220 18.65 15.12 -33.20
C ALA A 220 17.23 14.57 -33.11
N VAL A 221 16.39 15.35 -32.43
CA VAL A 221 14.98 15.05 -32.18
C VAL A 221 14.11 15.32 -33.41
N ARG A 222 13.98 16.59 -33.76
CA ARG A 222 13.18 16.99 -34.90
C ARG A 222 13.62 16.25 -36.16
N ARG A 223 14.93 15.99 -36.25
CA ARG A 223 15.50 15.29 -37.40
C ARG A 223 14.76 14.00 -37.71
N GLU A 224 14.56 13.76 -39.00
CA GLU A 224 13.91 12.54 -39.46
C GLU A 224 15.02 11.53 -39.75
N VAL A 225 15.24 10.63 -38.80
CA VAL A 225 16.29 9.63 -38.94
C VAL A 225 16.04 8.63 -40.04
N THR A 226 17.00 8.57 -40.98
CA THR A 226 16.94 7.63 -42.09
C THR A 226 17.05 6.22 -41.48
N PRO A 227 16.67 5.18 -42.23
CA PRO A 227 16.78 3.83 -41.63
C PRO A 227 18.24 3.54 -41.25
N GLY A 228 18.44 3.07 -40.02
CA GLY A 228 19.77 2.77 -39.55
C GLY A 228 20.39 3.95 -38.83
N HIS A 230 21.68 5.19 -35.65
CA HIS A 230 20.54 5.48 -34.73
C HIS A 230 20.17 6.97 -34.75
N ARG A 231 19.32 7.37 -33.81
CA ARG A 231 18.89 8.75 -33.75
C ARG A 231 19.87 9.76 -33.15
N PHE A 232 20.48 9.41 -32.01
CA PHE A 232 21.41 10.30 -31.33
C PHE A 232 22.90 10.03 -31.53
N GLU A 233 23.22 9.28 -32.58
CA GLU A 233 24.61 8.96 -32.90
C GLU A 233 25.42 10.26 -33.01
N GLY A 234 26.29 10.49 -32.03
CA GLY A 234 27.10 11.69 -32.05
C GLY A 234 26.80 12.70 -30.95
N THR A 235 25.59 12.62 -30.40
CA THR A 235 25.17 13.52 -29.36
C THR A 235 24.91 12.76 -28.05
N GLU A 236 25.26 11.48 -28.04
CA GLU A 236 25.06 10.61 -26.89
C GLU A 236 25.47 11.15 -25.52
N GLU A 237 26.67 11.72 -25.42
CA GLU A 237 27.16 12.24 -24.15
C GLU A 237 26.43 13.51 -23.74
N ILE A 238 26.26 14.42 -24.70
CA ILE A 238 25.57 15.68 -24.44
C ILE A 238 24.19 15.34 -23.90
N LEU A 239 23.53 14.38 -24.54
CA LEU A 239 22.19 13.96 -24.13
C LEU A 239 22.22 13.22 -22.80
N LYS A 240 22.93 12.09 -22.77
CA LYS A 240 23.03 11.30 -21.55
C LYS A 240 23.33 12.18 -20.36
N ALA A 241 24.23 13.14 -20.54
CA ALA A 241 24.60 14.06 -19.46
C ALA A 241 23.40 14.85 -18.97
N ARG A 242 22.91 15.75 -19.82
CA ARG A 242 21.77 16.61 -19.52
C ARG A 242 20.62 15.90 -18.81
N ILE A 243 20.24 14.73 -19.30
CA ILE A 243 19.14 13.94 -18.74
C ILE A 243 19.44 13.38 -17.36
N LEU A 244 20.58 12.70 -17.22
CA LEU A 244 20.95 12.13 -15.94
C LEU A 244 21.14 13.23 -14.91
N ALA A 245 21.44 14.43 -15.41
CA ALA A 245 21.62 15.59 -14.55
C ALA A 245 20.35 15.75 -13.76
N SER A 246 19.23 15.69 -14.46
CA SER A 246 17.92 15.82 -13.85
C SER A 246 17.63 14.62 -12.93
N ALA A 247 17.68 13.42 -13.51
CA ALA A 247 17.44 12.21 -12.75
C ALA A 247 18.31 12.26 -11.49
N ARG A 248 19.59 12.51 -11.67
CA ARG A 248 20.52 12.59 -10.56
C ARG A 248 19.92 13.43 -9.45
N HIS A 249 19.53 14.65 -9.80
CA HIS A 249 18.98 15.57 -8.82
C HIS A 249 17.76 15.02 -8.12
N LYS A 250 16.75 14.61 -8.90
CA LYS A 250 15.54 14.05 -8.33
C LYS A 250 15.93 12.92 -7.38
N ALA A 251 16.90 12.12 -7.77
CA ALA A 251 17.36 11.01 -6.94
C ALA A 251 17.88 11.57 -5.61
N TYR A 252 18.66 12.64 -5.71
CA TYR A 252 19.26 13.28 -4.55
C TYR A 252 18.20 13.85 -3.60
N VAL A 253 17.31 14.67 -4.14
CA VAL A 253 16.26 15.29 -3.33
C VAL A 253 15.34 14.25 -2.72
N VAL A 254 15.19 13.12 -3.39
CA VAL A 254 14.35 12.05 -2.86
C VAL A 254 15.09 11.32 -1.75
N SER A 255 16.39 11.18 -1.92
CA SER A 255 17.21 10.49 -0.93
C SER A 255 17.56 11.38 0.26
N ALA A 256 17.36 12.68 0.10
CA ALA A 256 17.59 13.61 1.19
C ALA A 256 16.21 13.70 1.86
N ASP A 257 15.41 12.67 1.58
CA ASP A 257 14.05 12.45 2.07
C ASP A 257 12.96 13.43 1.62
N GLY A 261 9.23 17.57 2.83
CA GLY A 261 9.38 18.44 4.04
C GLY A 261 10.55 19.39 3.96
N GLY A 262 10.72 20.00 2.79
CA GLY A 262 11.83 20.93 2.59
C GLY A 262 12.35 20.83 1.17
N LEU A 263 13.63 20.51 1.03
CA LEU A 263 14.25 20.39 -0.29
C LEU A 263 13.37 19.75 -1.37
N ARG A 264 12.42 18.92 -0.95
CA ARG A 264 11.57 18.24 -1.92
C ARG A 264 10.40 19.05 -2.49
N ASN A 265 10.07 20.18 -1.86
CA ASN A 265 9.00 21.04 -2.37
C ASN A 265 9.51 21.77 -3.59
N LEU A 266 10.83 21.94 -3.63
CA LEU A 266 11.50 22.65 -4.74
C LEU A 266 11.26 21.99 -6.11
N LEU A 267 10.80 20.74 -6.08
CA LEU A 267 10.53 20.01 -7.30
C LEU A 267 9.22 20.49 -7.91
N ASN A 268 8.49 21.30 -7.16
CA ASN A 268 7.20 21.82 -7.60
C ASN A 268 7.29 23.22 -8.17
N TRP A 269 8.48 23.61 -8.58
CA TRP A 269 8.66 24.92 -9.17
C TRP A 269 7.88 24.96 -10.49
N GLY A 270 7.15 26.05 -10.72
CA GLY A 270 6.38 26.18 -11.94
C GLY A 270 5.10 25.36 -11.89
N HIS A 271 5.05 24.38 -10.99
CA HIS A 271 3.88 23.53 -10.86
C HIS A 271 2.72 24.20 -10.15
N SER A 272 3.02 24.98 -9.12
CA SER A 272 1.98 25.68 -8.37
C SER A 272 0.99 26.28 -9.39
N ILE A 273 1.51 26.99 -10.38
CA ILE A 273 0.67 27.59 -11.42
C ILE A 273 0.47 26.61 -12.59
N GLY A 274 1.48 25.81 -12.87
CA GLY A 274 1.36 24.86 -13.96
C GLY A 274 0.09 24.02 -13.87
N HIS A 275 -0.20 23.52 -12.67
CA HIS A 275 -1.36 22.68 -12.43
C HIS A 275 -2.72 23.38 -12.61
N ALA A 276 -2.79 24.66 -12.23
CA ALA A 276 -4.01 25.45 -12.38
C ALA A 276 -4.29 25.58 -13.87
N ILE A 277 -3.23 25.80 -14.63
CA ILE A 277 -3.32 25.92 -16.07
C ILE A 277 -3.71 24.53 -16.57
N GLU A 278 -2.94 23.53 -16.15
CA GLU A 278 -3.16 22.14 -16.51
C GLU A 278 -4.63 21.76 -16.46
N ALA A 279 -5.25 21.99 -15.31
CA ALA A 279 -6.66 21.66 -15.08
C ALA A 279 -7.57 22.16 -16.19
N ILE A 280 -7.25 23.32 -16.75
CA ILE A 280 -8.06 23.91 -17.80
C ILE A 280 -7.70 23.44 -19.21
N LEU A 281 -6.42 23.55 -19.55
CA LEU A 281 -5.93 23.19 -20.88
C LEU A 281 -5.76 21.68 -21.15
N THR A 282 -5.94 20.86 -20.12
CA THR A 282 -5.84 19.42 -20.32
C THR A 282 -7.15 18.98 -20.98
N PRO A 283 -7.12 17.92 -21.80
CA PRO A 283 -5.98 17.08 -22.16
C PRO A 283 -5.36 17.48 -23.51
N GLN A 284 -5.84 18.57 -24.10
CA GLN A 284 -5.31 19.03 -25.37
C GLN A 284 -3.88 19.44 -25.19
N ILE A 285 -3.58 20.01 -24.03
CA ILE A 285 -2.24 20.44 -23.73
C ILE A 285 -1.59 19.50 -22.72
N LEU A 286 -0.32 19.20 -22.92
CA LEU A 286 0.39 18.31 -22.05
C LEU A 286 0.80 18.93 -20.72
N HIS A 287 1.40 18.11 -19.87
CA HIS A 287 1.86 18.52 -18.55
C HIS A 287 3.03 19.47 -18.67
N GLY A 288 4.15 18.97 -19.17
CA GLY A 288 5.34 19.79 -19.33
C GLY A 288 5.03 21.10 -20.04
N GLU A 289 4.06 21.05 -20.94
CA GLU A 289 3.67 22.25 -21.66
C GLU A 289 3.09 23.27 -20.71
N CYS A 290 2.21 22.82 -19.83
CA CYS A 290 1.61 23.70 -18.84
C CYS A 290 2.67 24.16 -17.86
N VAL A 291 3.45 23.22 -17.38
CA VAL A 291 4.53 23.51 -16.43
C VAL A 291 5.51 24.53 -17.00
N ALA A 292 5.80 24.43 -18.30
CA ALA A 292 6.71 25.37 -18.93
C ALA A 292 6.20 26.79 -18.70
N ILE A 293 4.94 27.01 -19.04
CA ILE A 293 4.27 28.29 -18.87
C ILE A 293 4.21 28.63 -17.40
N GLY A 294 3.87 27.63 -16.59
CA GLY A 294 3.79 27.82 -15.16
C GLY A 294 5.13 28.32 -14.63
N MET A 295 6.22 27.77 -15.17
CA MET A 295 7.56 28.18 -14.74
C MET A 295 7.75 29.64 -15.03
N VAL A 296 7.55 30.02 -16.30
CA VAL A 296 7.68 31.42 -16.69
C VAL A 296 6.92 32.29 -15.72
N LYS A 297 5.63 32.00 -15.57
CA LYS A 297 4.78 32.78 -14.67
C LYS A 297 5.37 32.84 -13.26
N GLU A 298 5.70 31.67 -12.72
CA GLU A 298 6.25 31.64 -11.37
C GLU A 298 7.58 32.38 -11.30
N ALA A 299 8.27 32.42 -12.44
CA ALA A 299 9.55 33.11 -12.53
C ALA A 299 9.26 34.60 -12.48
N GLU A 300 8.28 35.03 -13.26
CA GLU A 300 7.88 36.41 -13.31
C GLU A 300 7.47 36.87 -11.90
N LEU A 301 6.84 35.95 -11.17
CA LEU A 301 6.37 36.24 -9.82
C LEU A 301 7.51 36.56 -8.84
N ALA A 302 8.59 35.82 -8.95
CA ALA A 302 9.73 36.04 -8.06
C ALA A 302 10.28 37.45 -8.29
N ARG A 303 10.46 37.82 -9.55
CA ARG A 303 10.98 39.13 -9.88
C ARG A 303 10.05 40.21 -9.34
N HIS A 304 8.74 40.01 -9.49
CA HIS A 304 7.74 40.96 -9.01
C HIS A 304 7.89 41.25 -7.52
N LEU A 305 8.25 40.21 -6.76
CA LEU A 305 8.44 40.35 -5.32
C LEU A 305 9.84 40.87 -5.04
N GLY A 306 10.56 41.21 -6.10
CA GLY A 306 11.92 41.72 -5.96
C GLY A 306 13.03 40.70 -5.74
N ILE A 307 12.65 39.42 -5.68
CA ILE A 307 13.62 38.37 -5.45
C ILE A 307 14.47 38.06 -6.67
N LEU A 308 13.81 37.64 -7.75
CA LEU A 308 14.50 37.27 -8.97
C LEU A 308 14.86 38.45 -9.86
N LYS A 309 16.03 38.34 -10.48
CA LYS A 309 16.54 39.35 -11.39
C LYS A 309 15.81 39.24 -12.73
N GLY A 310 15.37 40.39 -13.26
CA GLY A 310 14.67 40.36 -14.54
C GLY A 310 15.47 39.61 -15.59
N VAL A 311 16.79 39.73 -15.52
CA VAL A 311 17.67 39.06 -16.47
C VAL A 311 17.33 37.58 -16.59
N ALA A 312 17.32 36.90 -15.45
CA ALA A 312 17.04 35.47 -15.38
C ALA A 312 15.67 35.07 -15.94
N VAL A 313 14.68 35.95 -15.78
CA VAL A 313 13.34 35.67 -16.28
C VAL A 313 13.44 35.32 -17.75
N SER A 314 13.95 36.27 -18.51
CA SER A 314 14.13 36.15 -19.94
C SER A 314 15.00 34.95 -20.27
N ARG A 315 15.99 34.71 -19.42
CA ARG A 315 16.88 33.59 -19.64
C ARG A 315 16.08 32.28 -19.60
N ILE A 316 15.16 32.18 -18.63
CA ILE A 316 14.34 30.99 -18.49
C ILE A 316 13.39 30.89 -19.68
N VAL A 317 12.75 31.99 -20.02
CA VAL A 317 11.82 32.03 -21.15
C VAL A 317 12.55 31.54 -22.39
N LYS A 318 13.72 32.13 -22.64
CA LYS A 318 14.52 31.77 -23.79
C LYS A 318 14.81 30.27 -23.83
N CYS A 319 15.39 29.72 -22.76
CA CYS A 319 15.69 28.30 -22.73
C CYS A 319 14.45 27.45 -23.05
N LEU A 320 13.35 27.70 -22.35
CA LEU A 320 12.15 26.94 -22.61
C LEU A 320 11.81 26.91 -24.10
N ALA A 321 11.50 28.07 -24.65
CA ALA A 321 11.16 28.19 -26.06
C ALA A 321 12.26 27.66 -26.99
N ALA A 322 13.50 27.79 -26.56
CA ALA A 322 14.63 27.30 -27.36
C ALA A 322 14.54 25.78 -27.49
N TYR A 323 13.73 25.17 -26.63
CA TYR A 323 13.56 23.73 -26.63
C TYR A 323 12.21 23.31 -27.24
N GLY A 324 11.40 24.30 -27.59
CA GLY A 324 10.10 24.01 -28.17
C GLY A 324 8.95 24.14 -27.17
N LEU A 325 9.28 24.47 -25.93
CA LEU A 325 8.25 24.61 -24.90
C LEU A 325 7.51 25.94 -24.97
N PRO A 326 6.19 25.92 -24.70
CA PRO A 326 5.33 27.10 -24.71
C PRO A 326 5.73 28.05 -23.58
N THR A 327 5.50 29.35 -23.75
CA THR A 327 5.91 30.29 -22.73
C THR A 327 4.84 31.30 -22.32
N SER A 328 3.67 31.23 -22.94
CA SER A 328 2.55 32.13 -22.61
C SER A 328 1.26 31.39 -22.89
N LEU A 329 0.20 31.82 -22.23
CA LEU A 329 -1.11 31.20 -22.45
C LEU A 329 -1.61 31.71 -23.78
N LYS A 330 -0.80 32.54 -24.43
CA LYS A 330 -1.17 33.11 -25.70
C LYS A 330 -0.46 32.40 -26.85
N ASP A 331 0.43 31.47 -26.53
CA ASP A 331 1.17 30.76 -27.58
C ASP A 331 0.21 30.16 -28.58
N ALA A 332 0.28 30.66 -29.81
CA ALA A 332 -0.60 30.20 -30.88
C ALA A 332 -0.66 28.69 -30.97
N ARG A 333 0.52 28.05 -30.91
CA ARG A 333 0.57 26.60 -30.98
C ARG A 333 -0.51 26.06 -30.04
N ILE A 334 -0.56 26.65 -28.83
CA ILE A 334 -1.53 26.29 -27.82
C ILE A 334 -2.92 26.56 -28.38
N ARG A 335 -3.31 27.84 -28.39
CA ARG A 335 -4.61 28.24 -28.90
C ARG A 335 -4.71 27.83 -30.36
N LYS A 336 -5.37 26.70 -30.54
CA LYS A 336 -5.60 26.05 -31.83
C LYS A 336 -6.11 24.71 -31.32
N LEU A 337 -5.37 24.23 -30.32
CA LEU A 337 -5.64 22.99 -29.65
C LEU A 337 -6.55 23.32 -28.46
N THR A 338 -6.63 24.61 -28.15
CA THR A 338 -7.43 25.07 -27.02
C THR A 338 -8.48 26.11 -27.41
N ALA A 339 -8.77 26.20 -28.70
CA ALA A 339 -9.74 27.16 -29.21
C ALA A 339 -11.04 27.25 -28.39
N GLY A 340 -11.15 28.27 -27.54
CA GLY A 340 -12.37 28.44 -26.74
C GLY A 340 -12.15 28.29 -25.25
N LYS A 341 -11.00 27.74 -24.88
CA LYS A 341 -10.70 27.55 -23.48
C LYS A 341 -9.67 28.54 -22.98
N HIS A 342 -10.12 29.59 -22.27
CA HIS A 342 -9.17 30.55 -21.72
C HIS A 342 -9.20 30.46 -20.20
N CYS A 343 -8.06 30.74 -19.58
CA CYS A 343 -7.92 30.66 -18.14
C CYS A 343 -8.08 32.02 -17.47
N SER A 344 -9.19 32.19 -16.74
CA SER A 344 -9.43 33.47 -16.08
C SER A 344 -8.48 33.60 -14.89
N VAL A 345 -8.47 34.78 -14.28
CA VAL A 345 -7.61 35.01 -13.13
C VAL A 345 -8.23 34.31 -11.93
N ASP A 346 -9.54 34.25 -11.89
CA ASP A 346 -10.22 33.61 -10.79
C ASP A 346 -10.17 32.12 -11.00
N GLN A 347 -10.47 31.69 -12.23
CA GLN A 347 -10.48 30.27 -12.56
C GLN A 347 -9.13 29.63 -12.22
N LEU A 348 -8.05 30.36 -12.47
CA LEU A 348 -6.74 29.81 -12.15
C LEU A 348 -6.54 29.85 -10.64
N MET A 349 -7.01 30.92 -10.00
CA MET A 349 -6.90 31.06 -8.56
C MET A 349 -7.72 29.99 -7.88
N PHE A 350 -8.86 29.67 -8.49
CA PHE A 350 -9.75 28.64 -7.97
C PHE A 350 -9.12 27.26 -8.08
N ASN A 351 -8.41 27.01 -9.17
CA ASN A 351 -7.75 25.73 -9.39
C ASN A 351 -6.52 25.56 -8.51
N MET A 352 -5.92 26.67 -8.10
CA MET A 352 -4.74 26.61 -7.25
C MET A 352 -5.19 26.32 -5.83
N ALA A 353 -6.46 26.56 -5.56
CA ALA A 353 -7.02 26.32 -4.24
C ALA A 353 -7.12 24.83 -3.98
N LEU A 354 -7.47 24.07 -5.01
CA LEU A 354 -7.61 22.63 -4.89
C LEU A 354 -6.38 21.84 -4.43
N ASP A 355 -5.25 22.51 -4.26
CA ASP A 355 -4.02 21.83 -3.83
C ASP A 355 -3.77 22.01 -2.32
N PRO A 361 -5.60 28.15 0.03
CA PRO A 361 -6.25 29.24 0.82
C PRO A 361 -5.28 30.32 1.29
N LYS A 362 -4.00 30.16 0.98
CA LYS A 362 -2.96 31.12 1.35
C LYS A 362 -2.02 31.35 0.16
N LYS A 363 -1.61 30.24 -0.46
CA LYS A 363 -0.72 30.19 -1.64
C LYS A 363 0.79 30.10 -1.44
N LYS A 364 1.33 28.89 -1.63
CA LYS A 364 2.77 28.60 -1.51
C LYS A 364 3.40 28.38 -2.90
N ILE A 365 4.60 28.89 -3.08
CA ILE A 365 5.28 28.77 -4.38
C ILE A 365 6.81 28.75 -4.29
N VAL A 366 7.44 27.97 -5.17
CA VAL A 366 8.89 27.91 -5.21
C VAL A 366 9.38 29.16 -5.89
N LEU A 367 10.07 30.00 -5.14
CA LEU A 367 10.61 31.23 -5.68
C LEU A 367 12.09 31.09 -5.94
N LEU A 368 12.54 31.63 -7.07
CA LEU A 368 13.96 31.58 -7.40
C LEU A 368 14.64 32.88 -7.02
N SER A 369 15.80 32.77 -6.38
CA SER A 369 16.55 33.95 -6.00
C SER A 369 17.39 34.27 -7.24
N ALA A 370 17.80 33.21 -7.93
CA ALA A 370 18.61 33.31 -9.12
C ALA A 370 18.64 31.95 -9.80
N ILE A 371 18.90 31.92 -11.10
CA ILE A 371 18.94 30.66 -11.81
C ILE A 371 19.97 29.71 -11.15
N GLY A 372 19.47 28.69 -10.48
CA GLY A 372 20.34 27.73 -9.83
C GLY A 372 20.22 27.87 -8.32
N THR A 373 19.70 29.00 -7.89
CA THR A 373 19.56 29.27 -6.47
C THR A 373 18.15 29.67 -6.05
N PRO A 374 17.42 28.75 -5.40
CA PRO A 374 16.05 29.01 -4.94
C PRO A 374 16.06 29.97 -3.75
N TYR A 375 15.01 30.78 -3.62
CA TYR A 375 14.91 31.75 -2.52
C TYR A 375 15.05 31.13 -1.15
N GLU A 376 14.44 29.96 -0.98
CA GLU A 376 14.48 29.23 0.28
C GLU A 376 14.66 27.76 -0.03
N THR A 377 14.75 26.93 1.00
CA THR A 377 14.91 25.50 0.81
C THR A 377 13.55 24.82 0.81
N ARG A 378 12.56 25.53 0.27
CA ARG A 378 11.19 25.04 0.18
C ARG A 378 10.30 26.10 -0.46
N ALA A 379 9.03 25.79 -0.63
CA ALA A 379 8.08 26.73 -1.22
C ALA A 379 7.77 27.84 -0.21
N SER A 380 7.71 29.07 -0.70
CA SER A 380 7.43 30.22 0.15
C SER A 380 5.94 30.57 0.08
N VAL A 381 5.50 31.40 1.02
CA VAL A 381 4.09 31.81 1.08
C VAL A 381 3.89 33.14 0.37
N VAL A 382 3.13 33.14 -0.72
CA VAL A 382 2.87 34.37 -1.47
C VAL A 382 1.42 34.84 -1.35
N ALA A 383 1.23 36.15 -1.39
CA ALA A 383 -0.11 36.73 -1.29
C ALA A 383 -0.94 36.46 -2.54
N ASN A 384 -2.18 36.02 -2.33
CA ASN A 384 -3.07 35.72 -3.44
C ASN A 384 -3.11 36.92 -4.38
N GLU A 385 -2.95 38.12 -3.82
CA GLU A 385 -2.98 39.36 -4.60
C GLU A 385 -1.79 39.49 -5.53
N ASP A 386 -0.59 39.19 -5.02
CA ASP A 386 0.61 39.27 -5.83
C ASP A 386 0.53 38.28 -6.96
N ILE A 387 -0.04 37.12 -6.68
CA ILE A 387 -0.20 36.11 -7.70
C ILE A 387 -1.12 36.67 -8.79
N ARG A 388 -2.25 37.23 -8.37
CA ARG A 388 -3.23 37.80 -9.30
C ARG A 388 -2.68 38.75 -10.35
N VAL A 389 -1.42 39.15 -10.21
CA VAL A 389 -0.84 40.05 -11.19
C VAL A 389 -0.15 39.24 -12.29
N VAL A 390 0.60 38.23 -11.89
CA VAL A 390 1.33 37.39 -12.84
C VAL A 390 0.35 36.81 -13.85
N LEU A 391 -0.85 36.50 -13.38
CA LEU A 391 -1.89 35.93 -14.22
C LEU A 391 -2.71 37.06 -14.86
N ALA A 392 -2.81 37.06 -16.18
CA ALA A 392 -3.56 38.07 -16.90
C ALA A 392 -3.09 39.47 -16.54
N ASN B 3 -7.50 1.98 35.03
CA ASN B 3 -6.49 2.66 34.17
C ASN B 3 -6.16 1.83 32.93
N PRO B 4 -6.05 2.50 31.77
CA PRO B 4 -5.73 1.77 30.54
C PRO B 4 -4.32 1.26 30.52
N THR B 5 -4.15 0.10 29.90
CA THR B 5 -2.84 -0.50 29.75
C THR B 5 -2.34 -0.14 28.35
N LYS B 6 -1.08 0.26 28.26
CA LYS B 6 -0.51 0.62 26.99
C LYS B 6 0.53 -0.41 26.58
N ILE B 7 0.38 -0.92 25.36
CA ILE B 7 1.30 -1.90 24.81
C ILE B 7 1.95 -1.27 23.58
N SER B 8 3.21 -1.62 23.31
CA SER B 8 3.92 -1.07 22.15
C SER B 8 4.11 -2.06 21.00
N ILE B 9 4.01 -1.55 19.77
CA ILE B 9 4.18 -2.37 18.57
C ILE B 9 5.18 -1.70 17.67
N LEU B 10 6.14 -2.49 17.16
CA LEU B 10 7.19 -1.95 16.31
C LEU B 10 7.82 -0.77 17.05
N GLY B 11 8.02 -0.93 18.35
CA GLY B 11 8.63 0.10 19.19
C GLY B 11 7.92 1.43 19.06
N ARG B 12 6.69 1.50 19.57
CA ARG B 12 5.90 2.72 19.45
C ARG B 12 4.58 2.56 20.17
N GLU B 13 4.08 3.65 20.75
CA GLU B 13 2.81 3.63 21.46
C GLU B 13 1.80 3.16 20.41
N SER B 14 0.89 2.26 20.78
CA SER B 14 -0.07 1.80 19.79
C SER B 14 -1.33 1.19 20.37
N ILE B 15 -1.15 0.29 21.32
CA ILE B 15 -2.28 -0.36 21.91
C ILE B 15 -2.63 0.24 23.24
N ILE B 16 -3.91 0.58 23.41
CA ILE B 16 -4.36 1.16 24.66
C ILE B 16 -5.62 0.37 25.04
N ALA B 17 -5.51 -0.46 26.08
CA ALA B 17 -6.62 -1.29 26.48
C ALA B 17 -7.17 -0.94 27.84
N ASP B 18 -8.46 -1.20 28.01
CA ASP B 18 -9.18 -0.96 29.24
C ASP B 18 -10.65 -1.20 28.95
N PHE B 19 -11.49 -0.99 29.96
CA PHE B 19 -12.94 -1.18 29.82
C PHE B 19 -13.67 0.11 29.49
N GLY B 20 -14.40 0.12 28.38
CA GLY B 20 -15.16 1.30 28.01
C GLY B 20 -14.42 2.48 27.38
N LEU B 21 -13.23 2.26 26.83
CA LEU B 21 -12.48 3.33 26.19
C LEU B 21 -13.35 3.99 25.12
N TRP B 22 -14.22 3.19 24.53
CA TRP B 22 -15.11 3.66 23.48
C TRP B 22 -15.90 4.88 23.95
N ARG B 23 -16.82 4.66 24.89
CA ARG B 23 -17.65 5.72 25.42
C ARG B 23 -16.90 6.95 25.93
N ASN B 24 -15.72 6.74 26.49
CA ASN B 24 -14.98 7.87 27.03
C ASN B 24 -13.45 7.82 26.99
N TYR B 25 -12.89 7.99 25.79
CA TYR B 25 -11.44 7.99 25.61
C TYR B 25 -11.05 8.19 24.16
N VAL B 26 -11.42 7.23 23.33
CA VAL B 26 -11.10 7.28 21.92
C VAL B 26 -11.32 8.67 21.31
N ALA B 27 -12.57 9.11 21.26
CA ALA B 27 -12.91 10.40 20.69
C ALA B 27 -11.92 11.51 21.09
N LYS B 28 -11.63 11.61 22.37
CA LYS B 28 -10.71 12.63 22.86
C LYS B 28 -9.29 12.33 22.42
N ASP B 29 -8.85 11.10 22.68
CA ASP B 29 -7.50 10.69 22.34
C ASP B 29 -7.19 10.87 20.87
N LEU B 30 -8.22 10.78 20.03
CA LEU B 30 -8.04 10.95 18.60
C LEU B 30 -7.74 12.39 18.22
N ILE B 31 -8.68 13.26 18.52
CA ILE B 31 -8.52 14.66 18.19
C ILE B 31 -7.29 15.25 18.90
N SER B 32 -6.69 14.46 19.81
CA SER B 32 -5.53 14.92 20.54
C SER B 32 -4.24 14.46 19.86
N ASP B 33 -4.04 13.16 19.79
CA ASP B 33 -2.85 12.57 19.18
C ASP B 33 -2.95 12.49 17.66
N CYS B 34 -4.11 12.04 17.18
CA CYS B 34 -4.35 11.93 15.75
C CYS B 34 -5.07 13.18 15.31
N SER B 35 -4.46 14.34 15.56
CA SER B 35 -5.09 15.60 15.18
C SER B 35 -5.44 15.62 13.69
N SER B 36 -6.70 15.94 13.39
CA SER B 36 -7.18 16.00 12.02
C SER B 36 -8.46 16.82 11.93
N THR B 37 -8.94 17.02 10.70
CA THR B 37 -10.15 17.78 10.49
C THR B 37 -11.25 16.85 10.01
N THR B 38 -10.87 15.63 9.66
CA THR B 38 -11.83 14.67 9.16
C THR B 38 -11.60 13.28 9.73
N TYR B 39 -12.67 12.67 10.22
CA TYR B 39 -12.59 11.33 10.79
C TYR B 39 -13.64 10.41 10.17
N VAL B 40 -13.18 9.45 9.38
CA VAL B 40 -14.11 8.51 8.74
C VAL B 40 -14.25 7.22 9.52
N LEU B 41 -15.46 6.94 10.00
CA LEU B 41 -15.69 5.72 10.73
C LEU B 41 -16.32 4.67 9.82
N VAL B 42 -15.78 3.46 9.88
CA VAL B 42 -16.27 2.37 9.07
C VAL B 42 -16.60 1.21 10.00
N THR B 43 -17.72 0.55 9.72
CA THR B 43 -18.16 -0.59 10.50
C THR B 43 -19.28 -1.26 9.71
N ASP B 44 -19.84 -2.33 10.26
CA ASP B 44 -20.93 -2.99 9.57
C ASP B 44 -22.22 -2.70 10.35
N THR B 45 -23.35 -2.77 9.66
CA THR B 45 -24.64 -2.49 10.27
C THR B 45 -24.79 -3.22 11.58
N ASN B 46 -24.39 -4.48 11.64
CA ASN B 46 -24.51 -5.23 12.89
C ASN B 46 -23.84 -4.49 14.03
N ILE B 47 -22.51 -4.50 14.04
CA ILE B 47 -21.79 -3.81 15.11
C ILE B 47 -22.16 -2.33 15.14
N GLY B 48 -22.22 -1.70 13.97
CA GLY B 48 -22.55 -0.28 13.93
C GLY B 48 -23.74 0.10 14.80
N SER B 49 -24.94 -0.27 14.36
CA SER B 49 -26.17 0.05 15.08
C SER B 49 -26.08 -0.06 16.60
N ILE B 50 -25.23 -0.95 17.11
CA ILE B 50 -25.08 -1.14 18.53
C ILE B 50 -24.17 -0.11 19.19
N TYR B 51 -23.10 0.28 18.49
CA TYR B 51 -22.13 1.20 19.05
C TYR B 51 -21.96 2.54 18.34
N THR B 52 -22.48 2.69 17.13
CA THR B 52 -22.29 3.96 16.42
C THR B 52 -22.81 5.19 17.16
N PRO B 53 -24.07 5.17 17.62
CA PRO B 53 -24.72 6.26 18.36
C PRO B 53 -23.88 6.83 19.51
N SER B 54 -23.35 5.93 20.32
CA SER B 54 -22.53 6.32 21.46
C SER B 54 -21.37 7.22 21.07
N PHE B 55 -20.67 6.86 20.01
CA PHE B 55 -19.52 7.62 19.54
C PHE B 55 -19.89 8.98 18.97
N GLU B 56 -20.94 9.03 18.16
CA GLU B 56 -21.38 10.30 17.59
C GLU B 56 -21.55 11.32 18.72
N GLU B 57 -21.94 10.81 19.89
CA GLU B 57 -22.12 11.63 21.08
C GLU B 57 -20.71 11.96 21.64
N ALA B 58 -19.95 10.90 21.94
CA ALA B 58 -18.60 11.06 22.46
C ALA B 58 -17.78 11.98 21.56
N PHE B 59 -17.97 11.85 20.25
CA PHE B 59 -17.24 12.66 19.31
C PHE B 59 -17.69 14.10 19.38
N ARG B 60 -18.91 14.36 18.93
CA ARG B 60 -19.45 15.71 18.95
C ARG B 60 -18.99 16.40 20.22
N LYS B 61 -19.04 15.66 21.32
CA LYS B 61 -18.60 16.16 22.61
C LYS B 61 -17.19 16.72 22.48
N ARG B 62 -16.19 15.85 22.56
CA ARG B 62 -14.81 16.25 22.45
C ARG B 62 -14.52 17.07 21.20
N ALA B 63 -15.34 16.85 20.16
CA ALA B 63 -15.18 17.56 18.89
C ALA B 63 -15.37 19.07 19.08
N ALA B 64 -16.61 19.48 19.33
CA ALA B 64 -16.93 20.89 19.50
C ALA B 64 -16.09 21.58 20.58
N GLU B 65 -15.50 20.79 21.49
CA GLU B 65 -14.67 21.33 22.55
C GLU B 65 -13.50 22.14 22.01
N ILE B 66 -13.07 21.78 20.81
CA ILE B 66 -11.94 22.42 20.13
C ILE B 66 -12.38 23.26 18.92
N THR B 67 -11.49 24.15 18.45
CA THR B 67 -11.81 25.00 17.31
C THR B 67 -10.68 25.21 16.30
N PRO B 68 -10.99 25.04 15.01
CA PRO B 68 -12.33 24.67 14.56
C PRO B 68 -12.61 23.22 14.93
N SER B 69 -13.88 22.84 14.92
CA SER B 69 -14.25 21.48 15.27
C SER B 69 -14.15 20.58 14.05
N PRO B 70 -13.53 19.40 14.19
CA PRO B 70 -13.42 18.48 13.06
C PRO B 70 -14.76 17.81 12.75
N ARG B 71 -14.77 16.92 11.76
CA ARG B 71 -15.99 16.21 11.38
C ARG B 71 -15.88 14.70 11.55
N LEU B 72 -17.03 14.03 11.61
CA LEU B 72 -17.08 12.58 11.73
C LEU B 72 -18.00 12.06 10.66
N LEU B 73 -17.43 11.37 9.67
CA LEU B 73 -18.20 10.81 8.57
C LEU B 73 -18.28 9.30 8.81
N ILE B 74 -19.48 8.76 8.79
CA ILE B 74 -19.67 7.35 9.07
C ILE B 74 -20.06 6.52 7.86
N TYR B 75 -19.52 5.31 7.80
CA TYR B 75 -19.78 4.39 6.71
C TYR B 75 -20.19 3.04 7.29
N ASN B 76 -21.32 2.51 6.82
CA ASN B 76 -21.86 1.23 7.29
C ASN B 76 -21.90 0.25 6.15
N ARG B 77 -21.11 -0.82 6.26
CA ARG B 77 -21.09 -1.84 5.20
C ARG B 77 -21.84 -3.08 5.68
N PRO B 78 -22.34 -3.91 4.73
CA PRO B 78 -23.06 -5.12 5.14
C PRO B 78 -22.14 -6.07 5.90
N PRO B 79 -22.70 -6.82 6.86
CA PRO B 79 -21.86 -7.75 7.61
C PRO B 79 -21.42 -8.95 6.75
N GLY B 80 -20.45 -9.70 7.25
CA GLY B 80 -20.00 -10.86 6.51
C GLY B 80 -18.68 -10.69 5.79
N GLU B 81 -18.10 -11.83 5.43
CA GLU B 81 -16.83 -11.88 4.72
C GLU B 81 -16.97 -11.33 3.32
N VAL B 82 -18.21 -11.19 2.87
CA VAL B 82 -18.47 -10.68 1.52
C VAL B 82 -18.08 -9.22 1.30
N SER B 83 -17.94 -8.47 2.38
CA SER B 83 -17.57 -7.07 2.26
C SER B 83 -16.08 -6.81 1.96
N LYS B 84 -15.22 -7.79 2.27
CA LYS B 84 -13.81 -7.61 1.95
C LYS B 84 -13.67 -7.89 0.45
N SER B 85 -14.04 -6.90 -0.35
CA SER B 85 -14.00 -7.04 -1.80
C SER B 85 -13.58 -5.75 -2.51
N ARG B 86 -12.93 -5.91 -3.66
CA ARG B 86 -12.47 -4.78 -4.48
C ARG B 86 -13.58 -3.77 -4.66
N GLN B 87 -14.81 -4.26 -4.68
CA GLN B 87 -15.94 -3.39 -4.92
C GLN B 87 -16.23 -2.41 -3.82
N THR B 88 -16.44 -2.92 -2.61
CA THR B 88 -16.74 -2.04 -1.49
C THR B 88 -15.60 -1.07 -1.19
N LYS B 89 -14.37 -1.57 -1.28
CA LYS B 89 -13.21 -0.74 -1.03
C LYS B 89 -13.35 0.52 -1.83
N ALA B 90 -13.60 0.36 -3.13
CA ALA B 90 -13.77 1.50 -4.00
C ALA B 90 -14.98 2.34 -3.57
N ASP B 91 -16.10 1.70 -3.25
CA ASP B 91 -17.28 2.43 -2.81
C ASP B 91 -16.83 3.35 -1.70
N ILE B 92 -16.26 2.74 -0.68
CA ILE B 92 -15.74 3.46 0.47
C ILE B 92 -14.94 4.65 0.01
N GLU B 93 -13.90 4.40 -0.77
CA GLU B 93 -13.05 5.46 -1.30
C GLU B 93 -13.92 6.50 -1.97
N ASP B 94 -14.67 6.04 -2.97
CA ASP B 94 -15.57 6.92 -3.72
C ASP B 94 -16.46 7.77 -2.82
N TRP B 95 -17.06 7.15 -1.82
CA TRP B 95 -17.91 7.88 -0.88
C TRP B 95 -17.09 9.04 -0.31
N MET B 96 -15.88 8.70 0.14
CA MET B 96 -14.96 9.64 0.73
C MET B 96 -14.57 10.80 -0.16
N LEU B 97 -14.20 10.48 -1.39
CA LEU B 97 -13.83 11.51 -2.35
C LEU B 97 -15.05 12.38 -2.61
N SER B 98 -16.23 11.75 -2.55
CA SER B 98 -17.51 12.41 -2.77
C SER B 98 -17.87 13.39 -1.65
N GLN B 99 -17.21 13.28 -0.52
CA GLN B 99 -17.52 14.16 0.59
C GLN B 99 -17.36 15.63 0.27
N ASN B 100 -18.10 16.43 1.03
CA ASN B 100 -18.10 17.86 0.86
C ASN B 100 -17.52 18.49 2.12
N PRO B 101 -16.23 18.87 2.10
CA PRO B 101 -15.31 18.72 0.96
C PRO B 101 -14.82 17.29 0.94
N PRO B 102 -14.17 16.87 -0.16
CA PRO B 102 -13.68 15.50 -0.22
C PRO B 102 -12.72 15.25 0.93
N CYS B 103 -12.75 14.04 1.48
CA CYS B 103 -11.87 13.69 2.58
C CYS B 103 -10.42 13.85 2.09
N GLY B 104 -9.59 14.55 2.86
CA GLY B 104 -8.21 14.76 2.45
C GLY B 104 -7.16 13.83 3.05
N ARG B 105 -5.90 14.03 2.68
CA ARG B 105 -4.80 13.21 3.19
C ARG B 105 -4.72 13.26 4.72
N ASP B 106 -5.16 14.38 5.29
CA ASP B 106 -5.14 14.56 6.75
C ASP B 106 -6.15 13.65 7.43
N THR B 107 -6.98 12.99 6.63
CA THR B 107 -8.00 12.10 7.16
C THR B 107 -7.44 11.07 8.11
N VAL B 108 -8.28 10.68 9.06
CA VAL B 108 -7.92 9.68 10.06
C VAL B 108 -9.09 8.72 10.10
N VAL B 109 -8.86 7.54 9.53
CA VAL B 109 -9.89 6.52 9.46
C VAL B 109 -9.94 5.67 10.72
N ILE B 110 -11.15 5.28 11.11
CA ILE B 110 -11.38 4.45 12.30
C ILE B 110 -12.08 3.15 11.91
N ALA B 111 -11.35 2.04 12.02
CA ALA B 111 -11.92 0.74 11.70
C ALA B 111 -12.51 0.20 12.98
N LEU B 112 -13.84 0.18 13.03
CA LEU B 112 -14.58 -0.31 14.18
C LEU B 112 -15.24 -1.64 13.81
N GLY B 113 -14.60 -2.75 14.19
CA GLY B 113 -15.20 -4.02 13.87
C GLY B 113 -14.36 -5.26 14.13
N GLY B 114 -14.72 -6.35 13.45
CA GLY B 114 -13.98 -7.58 13.61
C GLY B 114 -12.96 -7.71 12.51
N GLY B 115 -12.37 -8.89 12.38
CA GLY B 115 -11.37 -9.11 11.35
C GLY B 115 -11.75 -8.68 9.94
N VAL B 116 -13.04 -8.57 9.67
CA VAL B 116 -13.45 -8.16 8.33
C VAL B 116 -13.29 -6.65 8.18
N ILE B 117 -14.07 -5.87 8.94
CA ILE B 117 -13.96 -4.43 8.83
C ILE B 117 -12.51 -3.99 9.00
N GLY B 118 -11.78 -4.70 9.85
CA GLY B 118 -10.40 -4.33 10.09
C GLY B 118 -9.58 -4.39 8.81
N ASP B 119 -9.42 -5.60 8.29
CA ASP B 119 -8.67 -5.84 7.06
C ASP B 119 -9.09 -4.94 5.91
N LEU B 120 -10.38 -4.71 5.79
CA LEU B 120 -10.90 -3.88 4.72
C LEU B 120 -10.54 -2.41 4.90
N THR B 121 -10.97 -1.83 6.02
CA THR B 121 -10.71 -0.44 6.30
C THR B 121 -9.20 -0.16 6.34
N GLY B 122 -8.43 -1.10 6.87
CA GLY B 122 -6.99 -0.91 6.95
C GLY B 122 -6.42 -0.72 5.57
N PHE B 123 -6.83 -1.58 4.66
CA PHE B 123 -6.39 -1.55 3.28
C PHE B 123 -6.84 -0.25 2.63
N VAL B 124 -8.09 0.12 2.87
CA VAL B 124 -8.64 1.35 2.29
C VAL B 124 -7.76 2.53 2.63
N ALA B 125 -7.35 2.60 3.88
CA ALA B 125 -6.48 3.67 4.33
C ALA B 125 -5.11 3.54 3.66
N SER B 126 -4.62 2.30 3.59
CA SER B 126 -3.32 2.00 3.01
C SER B 126 -3.13 2.49 1.58
N THR B 127 -4.22 2.79 0.88
CA THR B 127 -4.15 3.25 -0.50
C THR B 127 -4.76 4.60 -0.79
N TYR B 128 -5.70 5.03 0.04
CA TYR B 128 -6.33 6.32 -0.16
C TYR B 128 -5.23 7.38 -0.27
N MET B 129 -5.12 8.01 -1.42
CA MET B 129 -4.09 9.01 -1.64
C MET B 129 -2.72 8.52 -1.16
N ARG B 130 -2.37 7.30 -1.56
CA ARG B 130 -1.11 6.64 -1.25
C ARG B 130 -0.87 6.34 0.22
N GLY B 131 -1.94 6.36 1.00
CA GLY B 131 -1.84 6.07 2.41
C GLY B 131 -2.19 7.21 3.35
N VAL B 132 -3.10 6.94 4.28
CA VAL B 132 -3.52 7.92 5.28
C VAL B 132 -3.54 7.23 6.64
N ARG B 133 -3.54 8.00 7.72
CA ARG B 133 -3.55 7.42 9.06
C ARG B 133 -4.86 6.67 9.32
N TYR B 134 -4.79 5.72 10.26
CA TYR B 134 -5.98 4.98 10.69
C TYR B 134 -5.69 4.26 12.00
N VAL B 135 -6.74 3.78 12.66
CA VAL B 135 -6.59 3.09 13.92
C VAL B 135 -7.57 1.93 14.06
N GLN B 136 -7.15 0.92 14.81
CA GLN B 136 -7.96 -0.25 15.02
C GLN B 136 -8.84 -0.14 16.27
N VAL B 137 -10.07 -0.62 16.15
CA VAL B 137 -11.00 -0.64 17.25
C VAL B 137 -11.71 -1.97 17.13
N PRO B 138 -10.97 -3.06 17.37
CA PRO B 138 -11.53 -4.40 17.27
C PRO B 138 -12.72 -4.59 18.18
N THR B 139 -13.72 -5.28 17.68
CA THR B 139 -14.92 -5.57 18.45
C THR B 139 -15.09 -7.08 18.63
N THR B 140 -14.19 -7.84 18.04
CA THR B 140 -14.20 -9.30 18.13
C THR B 140 -13.02 -9.75 18.98
N LEU B 141 -13.22 -10.79 19.78
CA LEU B 141 -12.13 -11.27 20.63
C LEU B 141 -10.92 -11.52 19.77
N LEU B 142 -11.12 -12.30 18.72
CA LEU B 142 -10.03 -12.63 17.82
C LEU B 142 -9.34 -11.38 17.30
N ALA B 143 -10.12 -10.47 16.74
CA ALA B 143 -9.57 -9.24 16.20
C ALA B 143 -8.79 -8.45 17.24
N MET B 144 -9.17 -8.57 18.51
CA MET B 144 -8.49 -7.87 19.60
C MET B 144 -7.10 -8.45 19.86
N VAL B 145 -7.00 -9.77 19.82
CA VAL B 145 -5.74 -10.44 20.09
C VAL B 145 -4.96 -10.91 18.88
N ASP B 146 -5.44 -10.54 17.68
CA ASP B 146 -4.76 -10.96 16.46
C ASP B 146 -5.06 -10.05 15.25
N SER B 147 -6.15 -10.37 14.56
CA SER B 147 -6.61 -9.64 13.38
C SER B 147 -6.28 -8.14 13.30
N SER B 148 -6.14 -7.48 14.45
CA SER B 148 -5.87 -6.05 14.43
C SER B 148 -4.44 -5.65 14.76
N ILE B 149 -3.60 -6.63 15.06
CA ILE B 149 -2.22 -6.32 15.42
C ILE B 149 -1.23 -6.81 14.36
N GLY B 150 -0.51 -5.90 13.72
CA GLY B 150 0.45 -6.29 12.71
C GLY B 150 0.42 -5.48 11.43
N GLY B 151 -0.72 -4.90 11.11
CA GLY B 151 -0.82 -4.09 9.91
C GLY B 151 -1.18 -4.86 8.66
N LYS B 152 -1.50 -6.14 8.82
CA LYS B 152 -1.89 -6.95 7.66
C LYS B 152 -3.31 -6.59 7.26
N THR B 153 -3.46 -6.10 6.03
CA THR B 153 -4.78 -5.70 5.54
C THR B 153 -4.96 -6.26 4.14
N ALA B 154 -6.22 -6.50 3.76
CA ALA B 154 -6.49 -7.03 2.43
C ALA B 154 -7.99 -7.23 2.17
N ILE B 155 -8.29 -7.70 0.98
CA ILE B 155 -9.66 -7.98 0.55
C ILE B 155 -9.63 -9.31 -0.21
N ASP B 156 -10.79 -9.93 -0.37
CA ASP B 156 -10.86 -11.20 -1.07
C ASP B 156 -11.21 -11.09 -2.56
N THR B 157 -10.93 -12.17 -3.29
CA THR B 157 -11.17 -12.28 -4.71
C THR B 157 -11.83 -13.62 -4.93
N PRO B 158 -12.80 -13.70 -5.86
CA PRO B 158 -13.46 -14.99 -6.10
C PRO B 158 -12.43 -16.11 -6.36
N LEU B 159 -11.17 -15.72 -6.48
CA LEU B 159 -10.08 -16.65 -6.73
C LEU B 159 -9.35 -17.03 -5.44
N GLY B 160 -9.70 -16.35 -4.35
CA GLY B 160 -9.04 -16.63 -3.08
C GLY B 160 -9.25 -15.53 -2.04
N LYS B 161 -8.85 -15.80 -0.82
CA LYS B 161 -9.01 -14.84 0.26
C LYS B 161 -7.70 -14.13 0.55
N ASN B 162 -7.80 -12.87 0.94
CA ASN B 162 -6.63 -12.04 1.25
C ASN B 162 -5.64 -12.01 0.10
N LEU B 163 -6.14 -12.06 -1.13
CA LEU B 163 -5.26 -12.05 -2.29
C LEU B 163 -4.68 -10.69 -2.66
N ILE B 164 -5.45 -9.63 -2.37
CA ILE B 164 -5.02 -8.27 -2.66
C ILE B 164 -5.04 -7.42 -1.38
N GLY B 165 -3.91 -6.81 -1.06
CA GLY B 165 -3.85 -6.01 0.15
C GLY B 165 -2.52 -5.31 0.35
N ALA B 166 -2.17 -5.05 1.61
CA ALA B 166 -0.92 -4.37 1.94
C ALA B 166 -0.66 -4.39 3.44
N ILE B 167 0.54 -4.01 3.83
CA ILE B 167 0.92 -3.94 5.24
C ILE B 167 0.84 -2.46 5.60
N TRP B 168 -0.08 -2.10 6.48
CA TRP B 168 -0.25 -0.72 6.84
C TRP B 168 -0.52 -0.66 8.35
N GLN B 169 0.47 -0.21 9.11
CA GLN B 169 0.33 -0.14 10.55
C GLN B 169 -0.66 0.93 11.04
N PRO B 170 -1.57 0.55 11.95
CA PRO B 170 -2.52 1.55 12.46
C PRO B 170 -1.73 2.44 13.40
N THR B 171 -2.15 3.70 13.50
CA THR B 171 -1.47 4.64 14.37
C THR B 171 -1.79 4.32 15.82
N LYS B 172 -2.98 3.75 16.03
CA LYS B 172 -3.44 3.39 17.36
C LYS B 172 -4.36 2.18 17.28
N ILE B 173 -4.31 1.34 18.32
CA ILE B 173 -5.15 0.15 18.36
C ILE B 173 -5.88 0.13 19.68
N TYR B 174 -7.04 0.77 19.70
CA TYR B 174 -7.83 0.85 20.91
C TYR B 174 -8.53 -0.47 21.19
N ILE B 175 -8.38 -0.97 22.41
CA ILE B 175 -9.01 -2.23 22.82
C ILE B 175 -9.95 -2.00 24.00
N ASP B 176 -11.24 -1.89 23.69
CA ASP B 176 -12.29 -1.68 24.68
C ASP B 176 -12.88 -3.06 24.90
N LEU B 177 -12.55 -3.65 26.04
CA LEU B 177 -13.03 -4.99 26.34
C LEU B 177 -14.55 -5.12 26.43
N GLU B 178 -15.23 -4.01 26.65
CA GLU B 178 -16.68 -4.05 26.75
C GLU B 178 -17.38 -4.58 25.49
N PHE B 179 -16.76 -4.38 24.34
CA PHE B 179 -17.35 -4.86 23.09
C PHE B 179 -17.68 -6.34 23.22
N LEU B 180 -16.97 -7.02 24.10
CA LEU B 180 -17.18 -8.44 24.29
C LEU B 180 -18.49 -8.77 24.97
N GLU B 181 -19.16 -7.74 25.47
CA GLU B 181 -20.43 -7.91 26.16
C GLU B 181 -21.48 -8.35 25.15
N THR B 182 -21.58 -7.58 24.07
CA THR B 182 -22.55 -7.87 23.01
C THR B 182 -22.11 -8.93 22.01
N LEU B 183 -20.80 -9.21 21.96
CA LEU B 183 -20.27 -10.20 21.03
C LEU B 183 -20.95 -11.55 21.15
N PRO B 184 -21.34 -12.15 20.01
CA PRO B 184 -22.01 -13.44 20.05
C PRO B 184 -21.11 -14.49 20.72
N VAL B 185 -21.73 -15.30 21.60
CA VAL B 185 -21.03 -16.33 22.34
C VAL B 185 -20.16 -17.19 21.44
N ARG B 186 -20.73 -17.66 20.34
CA ARG B 186 -19.96 -18.49 19.42
C ARG B 186 -18.72 -17.73 18.95
N GLU B 187 -18.89 -16.43 18.75
CA GLU B 187 -17.80 -15.57 18.31
C GLU B 187 -16.74 -15.45 19.37
N PHE B 188 -17.15 -15.32 20.62
CA PHE B 188 -16.19 -15.22 21.70
C PHE B 188 -15.33 -16.50 21.69
N ILE B 189 -16.01 -17.64 21.88
CA ILE B 189 -15.36 -18.95 21.91
C ILE B 189 -14.47 -19.16 20.70
N ASN B 190 -14.84 -18.52 19.59
CA ASN B 190 -14.07 -18.63 18.36
C ASN B 190 -12.71 -17.99 18.60
N GLY B 191 -12.74 -16.73 19.03
CA GLY B 191 -11.51 -16.00 19.27
C GLY B 191 -10.63 -16.64 20.32
N MET B 192 -11.23 -17.31 21.30
CA MET B 192 -10.45 -17.94 22.37
C MET B 192 -9.37 -18.87 21.84
N ALA B 193 -9.62 -19.47 20.69
CA ALA B 193 -8.65 -20.37 20.10
C ALA B 193 -7.29 -19.70 20.00
N GLU B 194 -7.25 -18.54 19.37
CA GLU B 194 -6.01 -17.79 19.23
C GLU B 194 -5.40 -17.54 20.59
N VAL B 195 -6.23 -17.04 21.49
CA VAL B 195 -5.81 -16.75 22.85
C VAL B 195 -5.03 -17.92 23.42
N ILE B 196 -5.60 -19.11 23.30
CA ILE B 196 -4.98 -20.33 23.80
C ILE B 196 -3.70 -20.61 23.04
N LYS B 197 -3.81 -20.54 21.72
CA LYS B 197 -2.68 -20.77 20.84
C LYS B 197 -1.48 -19.96 21.38
N THR B 198 -1.71 -18.67 21.56
CA THR B 198 -0.72 -17.76 22.09
C THR B 198 0.00 -18.34 23.29
N ALA B 199 -0.74 -18.57 24.37
CA ALA B 199 -0.20 -19.12 25.61
C ALA B 199 0.60 -20.40 25.38
N ALA B 200 -0.01 -21.32 24.65
CA ALA B 200 0.60 -22.61 24.35
C ALA B 200 2.02 -22.54 23.77
N ILE B 201 2.34 -21.46 23.07
CA ILE B 201 3.67 -21.32 22.48
C ILE B 201 4.58 -20.29 23.17
N SER B 202 4.12 -19.72 24.29
CA SER B 202 4.89 -18.70 24.97
C SER B 202 5.07 -18.89 26.47
N SER B 203 3.97 -19.08 27.18
CA SER B 203 4.04 -19.22 28.62
C SER B 203 3.24 -20.37 29.20
N GLU B 204 3.92 -21.22 29.95
CA GLU B 204 3.27 -22.35 30.60
C GLU B 204 2.35 -21.77 31.64
N GLU B 205 2.83 -20.80 32.40
CA GLU B 205 2.01 -20.17 33.44
C GLU B 205 0.73 -19.58 32.86
N GLU B 206 0.85 -18.93 31.72
CA GLU B 206 -0.29 -18.31 31.06
C GLU B 206 -1.34 -19.34 30.68
N PHE B 207 -0.90 -20.44 30.05
CA PHE B 207 -1.81 -21.50 29.67
C PHE B 207 -2.55 -22.01 30.92
N THR B 208 -1.80 -22.26 31.99
CA THR B 208 -2.38 -22.74 33.23
C THR B 208 -3.46 -21.80 33.77
N ALA B 209 -3.15 -20.51 33.84
CA ALA B 209 -4.11 -19.53 34.31
C ALA B 209 -5.37 -19.71 33.47
N LEU B 210 -5.20 -19.75 32.15
CA LEU B 210 -6.32 -19.94 31.24
C LEU B 210 -7.15 -21.10 31.76
N GLU B 211 -6.48 -22.23 31.97
CA GLU B 211 -7.13 -23.44 32.44
C GLU B 211 -8.03 -23.20 33.64
N GLU B 212 -7.56 -22.38 34.57
CA GLU B 212 -8.30 -22.07 35.79
C GLU B 212 -9.51 -21.17 35.56
N ASN B 213 -9.27 -20.04 34.90
CA ASN B 213 -10.29 -19.05 34.64
C ASN B 213 -11.40 -19.51 33.71
N ALA B 214 -11.17 -20.57 32.94
CA ALA B 214 -12.18 -21.05 32.02
C ALA B 214 -13.63 -20.96 32.55
N GLU B 215 -13.95 -21.77 33.56
CA GLU B 215 -15.28 -21.79 34.15
C GLU B 215 -15.78 -20.37 34.38
N THR B 216 -14.96 -19.62 35.11
CA THR B 216 -15.26 -18.23 35.44
C THR B 216 -15.65 -17.44 34.21
N ILE B 217 -14.70 -17.33 33.28
CA ILE B 217 -14.91 -16.58 32.05
C ILE B 217 -16.07 -17.10 31.21
N LEU B 218 -16.12 -18.41 31.03
CA LEU B 218 -17.17 -19.00 30.23
C LEU B 218 -18.55 -18.64 30.78
N LYS B 219 -18.74 -18.76 32.08
CA LYS B 219 -20.02 -18.42 32.69
C LYS B 219 -20.46 -17.02 32.31
N ALA B 220 -19.60 -16.05 32.59
CA ALA B 220 -19.83 -14.65 32.30
C ALA B 220 -20.35 -14.41 30.90
N VAL B 221 -19.67 -14.99 29.92
CA VAL B 221 -20.09 -14.83 28.55
C VAL B 221 -21.52 -15.30 28.39
N ARG B 222 -21.78 -16.50 28.93
CA ARG B 222 -23.08 -17.13 28.87
C ARG B 222 -24.11 -16.58 29.86
N ARG B 223 -23.65 -15.73 30.78
CA ARG B 223 -24.50 -15.14 31.81
C ARG B 223 -25.62 -14.25 31.25
N GLU B 224 -26.67 -14.08 32.07
CA GLU B 224 -27.82 -13.23 31.73
C GLU B 224 -27.61 -11.88 32.43
N VAL B 225 -27.35 -10.84 31.64
CA VAL B 225 -27.09 -9.50 32.20
C VAL B 225 -28.31 -8.75 32.75
N THR B 226 -28.30 -8.54 34.06
CA THR B 226 -29.39 -7.85 34.74
C THR B 226 -29.32 -6.36 34.41
N PRO B 227 -30.48 -5.73 34.18
CA PRO B 227 -30.51 -4.30 33.86
C PRO B 227 -29.66 -3.48 34.80
N GLY B 228 -28.87 -2.58 34.23
CA GLY B 228 -27.99 -1.75 35.04
C GLY B 228 -26.58 -2.29 35.12
N GLU B 229 -26.42 -3.59 34.90
CA GLU B 229 -25.11 -4.22 34.97
C GLU B 229 -24.26 -4.24 33.71
N HIS B 230 -23.03 -4.70 33.89
CA HIS B 230 -22.02 -4.88 32.85
C HIS B 230 -21.60 -6.36 32.93
N ARG B 231 -21.71 -7.05 31.79
CA ARG B 231 -21.39 -8.47 31.66
C ARG B 231 -20.28 -9.08 32.52
N PHE B 232 -19.11 -8.45 32.50
CA PHE B 232 -17.96 -8.99 33.22
C PHE B 232 -17.66 -8.38 34.59
N GLU B 233 -18.65 -7.73 35.18
CA GLU B 233 -18.47 -7.11 36.49
C GLU B 233 -17.96 -8.15 37.47
N GLY B 234 -16.71 -8.04 37.88
CA GLY B 234 -16.17 -8.98 38.83
C GLY B 234 -15.09 -9.88 38.29
N THR B 235 -15.05 -10.02 36.97
CA THR B 235 -14.07 -10.88 36.31
C THR B 235 -13.16 -10.01 35.43
N GLU B 236 -13.32 -8.70 35.52
CA GLU B 236 -12.54 -7.76 34.71
C GLU B 236 -11.04 -7.99 34.61
N GLU B 237 -10.37 -8.24 35.73
CA GLU B 237 -8.93 -8.43 35.71
C GLU B 237 -8.52 -9.80 35.14
N ILE B 238 -9.26 -10.82 35.53
CA ILE B 238 -8.99 -12.17 35.06
C ILE B 238 -9.09 -12.11 33.54
N LEU B 239 -10.14 -11.46 33.05
CA LEU B 239 -10.37 -11.34 31.62
C LEU B 239 -9.33 -10.46 30.95
N LYS B 240 -9.29 -9.19 31.36
CA LYS B 240 -8.34 -8.23 30.81
C LYS B 240 -6.94 -8.84 30.74
N ALA B 241 -6.56 -9.58 31.78
CA ALA B 241 -5.24 -10.19 31.83
C ALA B 241 -5.06 -11.21 30.71
N ARG B 242 -5.81 -12.30 30.80
CA ARG B 242 -5.75 -13.37 29.82
C ARG B 242 -5.73 -12.88 28.37
N ILE B 243 -6.58 -11.92 28.04
CA ILE B 243 -6.64 -11.40 26.67
C ILE B 243 -5.42 -10.60 26.25
N LEU B 244 -5.01 -9.66 27.09
CA LEU B 244 -3.84 -8.84 26.78
C LEU B 244 -2.61 -9.71 26.73
N ALA B 245 -2.66 -10.82 27.45
CA ALA B 245 -1.57 -11.76 27.47
C ALA B 245 -1.28 -12.12 26.00
N SER B 246 -2.35 -12.45 25.28
CA SER B 246 -2.25 -12.84 23.89
C SER B 246 -1.82 -11.66 23.03
N ALA B 247 -2.58 -10.58 23.10
CA ALA B 247 -2.27 -9.38 22.34
C ALA B 247 -0.81 -9.02 22.58
N ARG B 248 -0.43 -8.96 23.85
CA ARG B 248 0.93 -8.65 24.21
C ARG B 248 1.91 -9.50 23.41
N HIS B 249 1.69 -10.81 23.41
CA HIS B 249 2.59 -11.71 22.71
C HIS B 249 2.64 -11.41 21.21
N LYS B 250 1.49 -11.36 20.57
CA LYS B 250 1.41 -11.06 19.15
C LYS B 250 2.15 -9.76 18.89
N ALA B 251 1.98 -8.79 19.79
CA ALA B 251 2.65 -7.51 19.64
C ALA B 251 4.16 -7.72 19.66
N TYR B 252 4.60 -8.56 20.59
CA TYR B 252 6.03 -8.87 20.74
C TYR B 252 6.61 -9.53 19.51
N VAL B 253 5.98 -10.63 19.10
CA VAL B 253 6.45 -11.38 17.95
C VAL B 253 6.43 -10.56 16.69
N VAL B 254 5.53 -9.59 16.63
CA VAL B 254 5.44 -8.71 15.47
C VAL B 254 6.59 -7.71 15.50
N SER B 255 7.02 -7.33 16.70
CA SER B 255 8.11 -6.38 16.84
C SER B 255 9.45 -7.05 16.52
N ALA B 256 9.45 -8.37 16.52
CA ALA B 256 10.67 -9.14 16.24
C ALA B 256 10.80 -9.61 14.78
N ASP B 257 9.80 -10.30 14.27
CA ASP B 257 9.82 -10.80 12.91
C ASP B 257 8.95 -9.95 11.97
N GLY B 261 9.42 -14.70 8.74
CA GLY B 261 10.90 -14.74 8.82
C GLY B 261 11.47 -15.76 9.81
N GLY B 262 10.64 -16.24 10.73
CA GLY B 262 11.12 -17.22 11.70
C GLY B 262 10.31 -17.31 12.98
N LEU B 263 10.54 -16.37 13.88
CA LEU B 263 9.83 -16.32 15.16
C LEU B 263 8.34 -16.17 14.96
N ARG B 264 7.98 -15.33 13.99
CA ARG B 264 6.59 -15.06 13.66
C ARG B 264 5.88 -16.30 13.14
N ASN B 265 6.64 -17.35 12.85
CA ASN B 265 6.02 -18.56 12.34
C ASN B 265 5.28 -19.29 13.45
N LEU B 266 5.76 -19.12 14.69
CA LEU B 266 5.16 -19.78 15.84
C LEU B 266 3.69 -19.38 16.07
N LEU B 267 3.26 -18.32 15.40
CA LEU B 267 1.89 -17.84 15.50
C LEU B 267 0.98 -18.70 14.65
N ASN B 268 1.56 -19.57 13.85
CA ASN B 268 0.82 -20.46 12.97
C ASN B 268 0.64 -21.86 13.53
N TRP B 269 0.80 -21.99 14.85
CA TRP B 269 0.63 -23.29 15.48
C TRP B 269 -0.84 -23.70 15.33
N GLY B 270 -1.07 -24.96 14.97
CA GLY B 270 -2.42 -25.44 14.79
C GLY B 270 -3.02 -24.97 13.47
N HIS B 271 -2.43 -23.93 12.89
CA HIS B 271 -2.92 -23.40 11.63
C HIS B 271 -2.54 -24.26 10.44
N SER B 272 -1.31 -24.78 10.42
CA SER B 272 -0.87 -25.60 9.32
C SER B 272 -1.99 -26.57 8.93
N ILE B 273 -2.58 -27.23 9.92
CA ILE B 273 -3.67 -28.16 9.69
C ILE B 273 -5.03 -27.47 9.79
N GLY B 274 -5.11 -26.47 10.68
CA GLY B 274 -6.36 -25.76 10.82
C GLY B 274 -6.92 -25.25 9.50
N HIS B 275 -6.04 -24.68 8.66
CA HIS B 275 -6.42 -24.13 7.36
C HIS B 275 -6.91 -25.17 6.35
N ALA B 276 -6.31 -26.36 6.39
CA ALA B 276 -6.69 -27.44 5.50
C ALA B 276 -8.11 -27.83 5.85
N ILE B 277 -8.38 -27.89 7.14
CA ILE B 277 -9.70 -28.21 7.67
C ILE B 277 -10.59 -27.04 7.26
N GLU B 278 -10.15 -25.84 7.61
CA GLU B 278 -10.87 -24.61 7.30
C GLU B 278 -11.45 -24.62 5.88
N ALA B 279 -10.58 -24.82 4.90
CA ALA B 279 -10.95 -24.85 3.49
C ALA B 279 -12.17 -25.73 3.20
N ILE B 280 -12.30 -26.83 3.94
CA ILE B 280 -13.41 -27.75 3.73
C ILE B 280 -14.65 -27.40 4.53
N LEU B 281 -14.47 -27.22 5.85
CA LEU B 281 -15.58 -26.92 6.74
C LEU B 281 -16.11 -25.48 6.72
N THR B 282 -15.43 -24.60 6.00
CA THR B 282 -15.89 -23.22 5.92
C THR B 282 -17.05 -23.23 4.93
N PRO B 283 -18.02 -22.32 5.09
CA PRO B 283 -18.13 -21.28 6.10
C PRO B 283 -19.03 -21.69 7.26
N GLN B 284 -19.51 -22.93 7.26
CA GLN B 284 -20.38 -23.41 8.33
C GLN B 284 -19.60 -23.41 9.64
N ILE B 285 -18.31 -23.70 9.54
CA ILE B 285 -17.47 -23.74 10.70
C ILE B 285 -16.52 -22.56 10.69
N LEU B 286 -16.33 -21.96 11.86
CA LEU B 286 -15.47 -20.81 11.99
C LEU B 286 -13.98 -21.14 11.96
N HIS B 287 -13.18 -20.08 11.97
CA HIS B 287 -11.74 -20.17 11.95
C HIS B 287 -11.18 -20.80 13.23
N GLY B 288 -11.35 -20.08 14.34
CA GLY B 288 -10.87 -20.59 15.61
C GLY B 288 -11.36 -22.00 15.85
N GLU B 289 -12.55 -22.32 15.34
CA GLU B 289 -13.06 -23.67 15.51
C GLU B 289 -12.17 -24.68 14.78
N CYS B 290 -11.81 -24.37 13.54
CA CYS B 290 -10.94 -25.24 12.78
C CYS B 290 -9.57 -25.25 13.43
N VAL B 291 -9.06 -24.07 13.77
CA VAL B 291 -7.75 -23.96 14.41
C VAL B 291 -7.69 -24.76 15.70
N ALA B 292 -8.79 -24.78 16.45
CA ALA B 292 -8.83 -25.52 17.70
C ALA B 292 -8.50 -26.99 17.41
N ILE B 293 -9.20 -27.56 16.44
CA ILE B 293 -9.00 -28.95 16.03
C ILE B 293 -7.59 -29.07 15.45
N GLY B 294 -7.21 -28.08 14.63
CA GLY B 294 -5.89 -28.09 14.03
C GLY B 294 -4.83 -28.17 15.11
N MET B 295 -5.05 -27.44 16.20
CA MET B 295 -4.10 -27.43 17.30
C MET B 295 -3.97 -28.84 17.86
N VAL B 296 -5.09 -29.44 18.23
CA VAL B 296 -5.11 -30.80 18.76
C VAL B 296 -4.32 -31.71 17.84
N LYS B 297 -4.72 -31.75 16.58
CA LYS B 297 -4.07 -32.59 15.58
C LYS B 297 -2.57 -32.30 15.51
N GLU B 298 -2.21 -31.02 15.39
CA GLU B 298 -0.80 -30.66 15.31
C GLU B 298 -0.09 -31.02 16.62
N ALA B 299 -0.83 -31.02 17.72
CA ALA B 299 -0.27 -31.36 19.02
C ALA B 299 0.02 -32.86 19.01
N GLU B 300 -0.96 -33.63 18.55
CA GLU B 300 -0.82 -35.09 18.48
C GLU B 300 0.39 -35.43 17.62
N LEU B 301 0.61 -34.64 16.57
CA LEU B 301 1.72 -34.85 15.65
C LEU B 301 3.08 -34.72 16.32
N ALA B 302 3.22 -33.73 17.19
CA ALA B 302 4.49 -33.53 17.88
C ALA B 302 4.82 -34.77 18.72
N ARG B 303 3.82 -35.25 19.47
CA ARG B 303 4.00 -36.43 20.31
C ARG B 303 4.39 -37.63 19.45
N HIS B 304 3.72 -37.79 18.32
CA HIS B 304 3.99 -38.88 17.39
C HIS B 304 5.45 -38.93 16.94
N LEU B 305 6.04 -37.75 16.77
CA LEU B 305 7.43 -37.62 16.37
C LEU B 305 8.33 -37.69 17.60
N GLY B 306 7.72 -37.99 18.74
CA GLY B 306 8.46 -38.12 19.98
C GLY B 306 8.84 -36.83 20.68
N ILE B 307 8.46 -35.70 20.09
CA ILE B 307 8.80 -34.41 20.67
C ILE B 307 7.93 -34.03 21.87
N LEU B 308 6.62 -33.99 21.66
CA LEU B 308 5.70 -33.61 22.72
C LEU B 308 5.29 -34.76 23.64
N LYS B 309 5.15 -34.43 24.91
CA LYS B 309 4.75 -35.37 25.95
C LYS B 309 3.25 -35.63 25.82
N GLY B 310 2.87 -36.90 25.83
CA GLY B 310 1.46 -37.24 25.73
C GLY B 310 0.65 -36.45 26.75
N VAL B 311 1.23 -36.24 27.92
CA VAL B 311 0.58 -35.50 28.99
C VAL B 311 -0.01 -34.19 28.47
N ALA B 312 0.86 -33.38 27.86
CA ALA B 312 0.50 -32.08 27.33
C ALA B 312 -0.55 -32.14 26.25
N VAL B 313 -0.49 -33.18 25.44
CA VAL B 313 -1.48 -33.32 24.37
C VAL B 313 -2.88 -33.36 24.99
N SER B 314 -3.05 -34.15 26.04
CA SER B 314 -4.34 -34.26 26.71
C SER B 314 -4.73 -32.98 27.44
N ARG B 315 -3.72 -32.21 27.83
CA ARG B 315 -3.91 -30.96 28.53
C ARG B 315 -4.44 -29.88 27.59
N ILE B 316 -3.93 -29.90 26.37
CA ILE B 316 -4.34 -28.94 25.36
C ILE B 316 -5.77 -29.23 24.99
N VAL B 317 -6.07 -30.51 24.77
CA VAL B 317 -7.43 -30.91 24.39
C VAL B 317 -8.38 -30.43 25.51
N LYS B 318 -8.03 -30.74 26.75
CA LYS B 318 -8.84 -30.34 27.89
C LYS B 318 -9.15 -28.84 27.88
N CYS B 319 -8.10 -28.02 27.85
CA CYS B 319 -8.27 -26.57 27.86
C CYS B 319 -9.22 -26.12 26.74
N LEU B 320 -8.94 -26.55 25.51
CA LEU B 320 -9.78 -26.18 24.38
C LEU B 320 -11.26 -26.43 24.68
N ALA B 321 -11.60 -27.69 24.88
CA ALA B 321 -12.97 -28.08 25.17
C ALA B 321 -13.51 -27.41 26.44
N ALA B 322 -12.62 -27.15 27.38
CA ALA B 322 -13.02 -26.50 28.63
C ALA B 322 -13.54 -25.09 28.34
N TYR B 323 -13.21 -24.57 27.15
CA TYR B 323 -13.66 -23.24 26.75
C TYR B 323 -14.76 -23.28 25.69
N GLY B 324 -15.17 -24.50 25.33
CA GLY B 324 -16.23 -24.66 24.35
C GLY B 324 -15.72 -24.94 22.95
N LEU B 325 -14.41 -25.02 22.79
CA LEU B 325 -13.85 -25.26 21.47
C LEU B 325 -13.89 -26.74 21.09
N PRO B 326 -14.11 -27.03 19.78
CA PRO B 326 -14.18 -28.38 19.21
C PRO B 326 -12.80 -29.03 19.27
N THR B 327 -12.76 -30.35 19.41
CA THR B 327 -11.46 -31.03 19.50
C THR B 327 -11.25 -32.20 18.54
N SER B 328 -12.28 -32.53 17.77
CA SER B 328 -12.19 -33.62 16.80
C SER B 328 -13.03 -33.27 15.60
N LEU B 329 -12.64 -33.84 14.46
CA LEU B 329 -13.33 -33.60 13.20
C LEU B 329 -14.69 -34.23 13.19
N LYS B 330 -14.92 -35.11 14.15
CA LYS B 330 -16.20 -35.81 14.25
C LYS B 330 -17.10 -35.19 15.29
N ASP B 331 -16.66 -34.06 15.85
CA ASP B 331 -17.42 -33.34 16.88
C ASP B 331 -18.89 -33.30 16.51
N ALA B 332 -19.72 -33.88 17.38
CA ALA B 332 -21.17 -33.97 17.14
C ALA B 332 -21.85 -32.66 16.79
N ARG B 333 -21.40 -31.59 17.42
CA ARG B 333 -21.96 -30.27 17.19
C ARG B 333 -21.62 -29.83 15.77
N ILE B 334 -20.42 -30.15 15.30
CA ILE B 334 -20.01 -29.79 13.95
C ILE B 334 -20.76 -30.62 12.90
N ARG B 335 -21.06 -31.87 13.27
CA ARG B 335 -21.79 -32.76 12.39
C ARG B 335 -23.11 -32.15 11.97
N LYS B 336 -24.01 -31.94 12.94
CA LYS B 336 -25.33 -31.36 12.67
C LYS B 336 -25.27 -30.03 11.93
N LEU B 337 -24.12 -29.38 12.00
CA LEU B 337 -23.90 -28.10 11.33
C LEU B 337 -23.50 -28.22 9.88
N THR B 338 -23.20 -29.44 9.44
CA THR B 338 -22.79 -29.67 8.07
C THR B 338 -23.13 -31.09 7.62
N ALA B 339 -24.42 -31.33 7.43
CA ALA B 339 -24.86 -32.65 6.99
C ALA B 339 -24.40 -32.92 5.56
N GLY B 340 -23.58 -33.96 5.40
CA GLY B 340 -23.08 -34.32 4.07
C GLY B 340 -21.70 -33.81 3.79
N LYS B 341 -20.95 -33.49 4.83
CA LYS B 341 -19.59 -32.97 4.67
C LYS B 341 -18.58 -33.58 5.64
N HIS B 342 -17.47 -34.06 5.11
CA HIS B 342 -16.40 -34.65 5.91
C HIS B 342 -15.06 -34.42 5.20
N CYS B 343 -13.97 -34.51 5.94
CA CYS B 343 -12.63 -34.24 5.38
C CYS B 343 -11.76 -35.45 5.11
N SER B 344 -11.70 -35.89 3.86
CA SER B 344 -10.88 -37.04 3.50
C SER B 344 -9.45 -36.71 3.85
N VAL B 345 -8.60 -37.71 3.93
CA VAL B 345 -7.21 -37.42 4.27
C VAL B 345 -6.50 -36.85 3.07
N ASP B 346 -6.96 -37.20 1.88
CA ASP B 346 -6.33 -36.71 0.66
C ASP B 346 -6.71 -35.26 0.42
N GLN B 347 -7.91 -34.90 0.87
CA GLN B 347 -8.42 -33.54 0.71
C GLN B 347 -7.67 -32.64 1.66
N LEU B 348 -7.51 -33.12 2.88
CA LEU B 348 -6.77 -32.38 3.87
C LEU B 348 -5.36 -32.15 3.37
N MET B 349 -4.65 -33.26 3.16
CA MET B 349 -3.28 -33.20 2.70
C MET B 349 -3.10 -32.36 1.44
N PHE B 350 -4.14 -32.30 0.62
CA PHE B 350 -4.11 -31.52 -0.62
C PHE B 350 -4.24 -30.04 -0.21
N ASN B 351 -5.31 -29.73 0.51
CA ASN B 351 -5.53 -28.37 0.97
C ASN B 351 -4.27 -27.80 1.57
N MET B 352 -3.54 -28.61 2.33
CA MET B 352 -2.30 -28.17 2.96
C MET B 352 -1.23 -27.79 1.94
N ALA B 353 -1.27 -28.45 0.78
CA ALA B 353 -0.29 -28.23 -0.29
C ALA B 353 -0.47 -26.88 -0.99
N LEU B 354 -1.61 -26.24 -0.75
CA LEU B 354 -1.90 -24.93 -1.33
C LEU B 354 -1.28 -23.85 -0.45
N ASP B 355 0.02 -23.93 -0.24
CA ASP B 355 0.75 -22.98 0.60
C ASP B 355 2.22 -22.86 0.20
N PRO B 361 5.78 -31.88 -0.62
CA PRO B 361 6.36 -33.20 -0.31
C PRO B 361 6.65 -33.28 1.19
N LYS B 362 6.92 -32.11 1.77
CA LYS B 362 7.20 -31.95 3.20
C LYS B 362 6.68 -30.58 3.60
N LYS B 363 5.67 -30.56 4.46
CA LYS B 363 5.05 -29.32 4.93
C LYS B 363 5.74 -28.74 6.17
N LYS B 364 5.63 -27.42 6.37
CA LYS B 364 6.23 -26.77 7.53
C LYS B 364 5.18 -26.65 8.64
N ILE B 365 5.54 -27.05 9.85
CA ILE B 365 4.62 -27.05 10.98
C ILE B 365 5.22 -26.67 12.33
N VAL B 366 4.44 -25.96 13.14
CA VAL B 366 4.91 -25.57 14.45
C VAL B 366 4.75 -26.76 15.40
N LEU B 367 5.88 -27.27 15.87
CA LEU B 367 5.86 -28.39 16.78
C LEU B 367 6.15 -27.91 18.19
N LEU B 368 5.42 -28.45 19.15
CA LEU B 368 5.64 -28.07 20.54
C LEU B 368 6.52 -29.09 21.22
N SER B 369 7.50 -28.61 21.98
CA SER B 369 8.38 -29.49 22.71
C SER B 369 7.66 -29.75 24.02
N ALA B 370 6.95 -28.73 24.48
CA ALA B 370 6.20 -28.77 25.73
C ALA B 370 5.29 -27.54 25.78
N ILE B 371 4.23 -27.62 26.58
CA ILE B 371 3.30 -26.49 26.68
C ILE B 371 4.02 -25.26 27.17
N GLY B 372 4.25 -24.33 26.24
CA GLY B 372 4.94 -23.10 26.56
C GLY B 372 6.28 -23.04 25.83
N THR B 373 6.75 -24.20 25.38
CA THR B 373 8.03 -24.26 24.71
C THR B 373 7.97 -24.96 23.36
N PRO B 374 8.08 -24.21 22.27
CA PRO B 374 8.05 -24.75 20.90
C PRO B 374 9.34 -25.52 20.58
N TYR B 375 9.24 -26.55 19.77
CA TYR B 375 10.41 -27.36 19.42
C TYR B 375 11.55 -26.53 18.86
N GLU B 376 11.22 -25.54 18.04
CA GLU B 376 12.21 -24.65 17.42
C GLU B 376 11.65 -23.26 17.42
N THR B 377 12.42 -22.30 16.93
CA THR B 377 11.97 -20.93 16.87
C THR B 377 11.36 -20.65 15.53
N ARG B 378 10.64 -21.65 15.02
CA ARG B 378 9.98 -21.53 13.73
C ARG B 378 9.30 -22.86 13.40
N ALA B 379 8.62 -22.89 12.26
CA ALA B 379 7.94 -24.12 11.82
C ALA B 379 8.98 -25.14 11.35
N SER B 380 8.79 -26.40 11.73
CA SER B 380 9.71 -27.45 11.35
C SER B 380 9.18 -28.17 10.11
N VAL B 381 10.02 -28.98 9.48
CA VAL B 381 9.61 -29.72 8.28
C VAL B 381 9.23 -31.14 8.64
N VAL B 382 7.95 -31.49 8.42
CA VAL B 382 7.47 -32.83 8.72
C VAL B 382 7.16 -33.63 7.45
N ALA B 383 7.34 -34.94 7.54
CA ALA B 383 7.07 -35.81 6.40
C ALA B 383 5.58 -35.94 6.12
N ASN B 384 5.21 -35.84 4.85
CA ASN B 384 3.80 -35.95 4.46
C ASN B 384 3.22 -37.23 5.04
N GLU B 385 4.06 -38.24 5.18
CA GLU B 385 3.64 -39.54 5.71
C GLU B 385 3.27 -39.50 7.19
N ASP B 386 4.10 -38.84 8.00
CA ASP B 386 3.82 -38.71 9.42
C ASP B 386 2.54 -37.92 9.64
N ILE B 387 2.31 -36.94 8.78
CA ILE B 387 1.11 -36.13 8.87
C ILE B 387 -0.07 -37.05 8.63
N ARG B 388 0.00 -37.83 7.56
CA ARG B 388 -1.06 -38.75 7.19
C ARG B 388 -1.54 -39.71 8.27
N VAL B 389 -0.76 -39.89 9.35
CA VAL B 389 -1.13 -40.81 10.44
C VAL B 389 -1.93 -40.13 11.53
N VAL B 390 -1.69 -38.83 11.74
CA VAL B 390 -2.45 -38.11 12.74
C VAL B 390 -3.82 -37.88 12.14
N LEU B 391 -3.89 -37.81 10.82
CA LEU B 391 -5.19 -37.64 10.19
C LEU B 391 -5.92 -38.96 10.06
N ALA B 392 -5.15 -40.03 9.84
CA ALA B 392 -5.74 -41.36 9.73
C ALA B 392 -6.67 -41.53 10.93
N PRO B 393 -7.80 -42.24 10.74
CA PRO B 393 -8.80 -42.47 11.79
C PRO B 393 -8.26 -43.17 13.04
ZN ZN C . 5.94 17.00 -13.45
CL CL D . -3.14 -8.90 -22.24
CL CL E . 13.47 -1.73 -1.51
CL CL F . -10.55 23.59 -14.26
CL CL G . -4.36 7.60 -26.51
CL CL H . -4.40 -17.82 -6.24
CL CL I . -0.92 -14.79 5.56
CL CL J . -4.29 -16.04 -19.79
PA NAD K . 2.51 8.71 -21.28
O1A NAD K . 3.01 7.51 -20.59
O2A NAD K . 1.05 8.87 -21.46
O5B NAD K . 3.30 8.74 -22.71
C5B NAD K . 2.73 9.52 -23.85
C4B NAD K . 2.57 8.58 -25.06
O4B NAD K . 3.84 8.06 -25.55
C3B NAD K . 1.73 7.32 -24.86
O3B NAD K . 0.62 7.22 -25.81
C2B NAD K . 2.67 6.10 -25.05
O2B NAD K . 2.02 4.97 -25.63
C1B NAD K . 3.76 6.65 -25.91
N9A NAD K . 5.18 6.24 -25.71
C8A NAD K . 5.80 6.09 -24.47
N7A NAD K . 7.11 6.19 -24.62
C5A NAD K . 7.33 5.97 -25.97
C6A NAD K . 8.51 5.78 -26.74
N6A NAD K . 9.72 6.16 -26.38
N1A NAD K . 8.32 5.14 -27.98
C2A NAD K . 7.07 5.22 -28.55
N3A NAD K . 5.93 5.68 -28.02
C4A NAD K . 6.13 5.95 -26.65
O3 NAD K . 3.01 10.08 -20.58
PN NAD K . 4.01 10.47 -19.39
O1N NAD K . 5.16 9.56 -19.40
O2N NAD K . 4.13 11.97 -19.56
O5D NAD K . 3.03 10.10 -18.16
C5D NAD K . 2.12 11.00 -17.55
C4D NAD K . 1.70 10.39 -16.22
O4D NAD K . 2.83 10.45 -15.31
C3D NAD K . 0.55 11.15 -15.51
O3D NAD K . -0.58 10.28 -15.50
C2D NAD K . 1.08 11.50 -14.12
O2D NAD K . 0.12 11.29 -13.05
C1D NAD K . 2.33 10.64 -13.96
N1N NAD K . 3.44 11.27 -13.25
C2N NAD K . 3.77 10.58 -12.09
C3N NAD K . 4.71 11.14 -11.22
C7N NAD K . 5.20 10.42 -9.94
O7N NAD K . 5.72 11.07 -9.03
N7N NAD K . 5.04 9.08 -9.87
C4N NAD K . 5.31 12.45 -11.45
C5N NAD K . 5.00 12.99 -12.75
C6N NAD K . 4.14 12.47 -13.68
ZN ZN L . -6.14 -17.32 13.46
CL CL M . -18.15 -12.90 40.34
CL CL N . 2.47 4.30 12.78
CL CL O . -0.90 14.22 8.69
CL CL P . -20.16 15.57 12.45
CL CL Q . 10.33 -35.65 25.67
CL CL R . -8.38 -34.49 -3.32
CL CL S . -18.72 -25.26 1.56
PA NAD T . -16.02 -10.97 11.76
O1A NAD T . -15.28 -9.73 11.42
O2A NAD T . -16.76 -11.66 10.70
O5B NAD T . -17.02 -10.58 12.98
C5B NAD T . -17.83 -11.67 13.52
C4B NAD T . -19.25 -11.21 13.71
O4B NAD T . -19.42 -10.40 14.89
C3B NAD T . -19.88 -10.38 12.61
O3B NAD T . -21.13 -10.97 12.12
C2B NAD T . -20.17 -8.99 13.22
O2B NAD T . -21.33 -8.39 12.64
C1B NAD T . -20.34 -9.32 14.66
N9A NAD T . -19.87 -8.41 15.74
C8A NAD T . -18.65 -7.72 15.79
N7A NAD T . -18.32 -7.52 17.06
C5A NAD T . -19.54 -7.56 17.72
C6A NAD T . -19.92 -7.19 19.04
N6A NAD T . -19.08 -6.75 19.98
N1A NAD T . -21.28 -7.28 19.35
C2A NAD T . -22.15 -7.82 18.42
N3A NAD T . -21.89 -8.25 17.17
C4A NAD T . -20.51 -8.08 16.90
O3 NAD T . -15.08 -12.08 12.51
PN NAD T . -13.56 -12.20 12.98
O1N NAD T . -13.23 -11.12 13.88
O2N NAD T . -13.46 -13.66 13.37
O5D NAD T . -12.85 -11.91 11.54
C5D NAD T . -12.45 -12.88 10.60
C4D NAD T . -11.52 -12.19 9.57
O4D NAD T . -10.21 -11.98 10.14
C3D NAD T . -11.28 -12.97 8.27
O3D NAD T . -12.20 -12.48 7.33
C2D NAD T . -9.80 -12.70 7.91
O2D NAD T . -9.64 -12.10 6.59
C1D NAD T . -9.27 -11.81 9.04
N1N NAD T . -7.98 -12.20 9.66
C2N NAD T . -7.03 -11.19 9.54
C3N NAD T . -5.79 -11.34 10.16
C7N NAD T . -4.71 -10.21 10.13
O7N NAD T . -4.87 -9.23 9.41
N7N NAD T . -3.59 -10.34 10.91
C4N NAD T . -5.40 -12.55 10.86
C5N NAD T . -6.46 -13.53 10.95
C6N NAD T . -7.71 -13.44 10.36
#